data_3ARB
#
_entry.id   3ARB
#
_cell.length_a   59.037
_cell.length_b   87.309
_cell.length_c   235.654
_cell.angle_alpha   90.00
_cell.angle_beta   90.00
_cell.angle_gamma   90.00
#
_symmetry.space_group_name_H-M   'P 21 21 21'
#
loop_
_entity.id
_entity.type
_entity.pdbx_description
1 polymer 'Antigen-presenting glycoprotein CD1d1'
2 polymer Beta-2-microglobulin
3 polymer 'NKT Valpha14-Jalpha18,NKT Valpha14-Jalpha18'
4 polymer 'NKT Vbeta8.2,NKT Vbeta8.2'
5 branched 2-acetamido-2-deoxy-beta-D-glucopyranose-(1-4)-2-acetamido-2-deoxy-beta-D-glucopyranose
6 non-polymer DI(HYDROXYETHYL)ETHER
7 non-polymer 2-acetamido-2-deoxy-beta-D-glucopyranose
8 non-polymer N-{(1S,2S,3R)-1-[(alpha-D-galactopyranosyloxy)methyl]-2,3-dihydroxyoctyl}tetracosanamide
9 non-polymer DODECANE
10 water water
#
loop_
_entity_poly.entity_id
_entity_poly.type
_entity_poly.pdbx_seq_one_letter_code
_entity_poly.pdbx_strand_id
1 'polypeptide(L)'
;SEAQQKNYTFRCLQMSSFANRSWSRTDSVVWLGDLQTHRWSNDSATISFTKPWSQGKLSNQQWEKLQHMFQVYRVSFTRD
IQELVKMMSPKEDYPIEIQLSAGCEMYPGNASESFLHVAFQGKYVVRFWGTSWQTVPGAPSWLDLPIKVLNADQGTSATV
QMLLNDTCPLFVRGLLEAGKSDLEKQEKPVAWLSSVPSSAHGHRQLVCHVSGFYPKPVWVMWMRGDQEQQGTHRGDFLPN
ADETWYLQATLDVEAGEEAGLACRVKHSSLGGQDIILYWGSLHHILDAQKMVWNHRHHHHHH
;
A
2 'polypeptide(L)'
;IQKTPQIQVYSRHPPENGKPNILNCYVTQFHPPHIEIQMLKNGKKIPKVEMSDMSFSKDWSFYILAHTEFTPTETDTYAC
RVKHASMAEPKTVYWDRDM
;
B
3 'polypeptide(L)'
;TQVEQSPQSLVVRQGENSVLQCNYSVTPDNHLRWFKQDTGKGLVSLTVLVDQKDKTSNGRYSATLDKDAKHSTLHITATL
LDDTATYICVVGDRGSALGRLHFGAGTQLIVIPDIQNPDPAVYQLRDSKSSDKSVCLFTDFDSQTNVSQSKDSDVYITDK
CVLDMRSMDFKSNSAVAWSNKSDFACANAFNNSIIPEDTFFPSPESS
;
C
4 'polypeptide(L)'
;EAAVTQSPRNKVAVTGGKVTLSCNQTNNHNNMYWYRQDTGHGLRLIHYSYGAGSTEKGDIPDGYKASRPSQENFSLILEL
ATPSQTSVYFCASGDAGGNYAEQFFGPGTRLTVLEDLKNVFPPEVAVFEPSEAEISHTQKATLVCLATGFYPDHVELSWW
VNGKEVHSGVCTDPQPLKEQPALNDSRYALSSRLRVSATFWQNPRNHFRCQVQFYGLSENDEWTQDRAKPVTQIVSAEAW
GRAD
;
D
#
loop_
_chem_comp.id
_chem_comp.type
_chem_comp.name
_chem_comp.formula
D12 non-polymer DODECANE 'C12 H26'
FEE non-polymer N-{(1S,2S,3R)-1-[(alpha-D-galactopyranosyloxy)methyl]-2,3-dihydroxyoctyl}tetracosanamide 'C39 H77 N O9'
NAG D-saccharide, beta linking 2-acetamido-2-deoxy-beta-D-glucopyranose 'C8 H15 N O6'
PEG non-polymer DI(HYDROXYETHYL)ETHER 'C4 H10 O3'
#
# COMPACT_ATOMS: atom_id res chain seq x y z
N LYS A 6 -36.33 18.25 -19.38
CA LYS A 6 -35.32 19.34 -19.25
C LYS A 6 -34.17 18.96 -18.33
N ASN A 7 -34.27 17.80 -17.69
CA ASN A 7 -33.27 17.32 -16.75
C ASN A 7 -32.07 16.68 -17.46
N TYR A 8 -30.87 16.90 -16.90
CA TYR A 8 -29.65 16.30 -17.46
C TYR A 8 -28.93 15.41 -16.45
N THR A 9 -28.63 14.18 -16.86
CA THR A 9 -27.93 13.23 -16.00
C THR A 9 -26.46 13.15 -16.37
N PHE A 10 -25.61 13.35 -15.36
CA PHE A 10 -24.16 13.28 -15.52
C PHE A 10 -23.67 11.99 -14.88
N ARG A 11 -22.90 11.19 -15.62
CA ARG A 11 -22.45 9.91 -15.08
C ARG A 11 -21.00 9.55 -15.40
N CYS A 12 -20.26 9.21 -14.34
CA CYS A 12 -18.93 8.64 -14.45
C CYS A 12 -19.04 7.13 -14.31
N LEU A 13 -18.64 6.42 -15.36
CA LEU A 13 -18.76 4.97 -15.39
C LEU A 13 -17.38 4.32 -15.41
N GLN A 14 -17.09 3.56 -14.35
CA GLN A 14 -15.81 2.89 -14.19
C GLN A 14 -15.98 1.38 -14.27
N MET A 15 -15.13 0.73 -15.07
CA MET A 15 -15.11 -0.73 -15.16
C MET A 15 -13.71 -1.27 -14.85
N SER A 16 -13.62 -2.09 -13.82
CA SER A 16 -12.34 -2.65 -13.37
C SER A 16 -12.32 -4.16 -13.48
N SER A 17 -11.27 -4.68 -14.12
CA SER A 17 -11.11 -6.12 -14.30
C SER A 17 -9.93 -6.66 -13.49
N PHE A 18 -10.18 -7.73 -12.75
CA PHE A 18 -9.14 -8.43 -11.99
C PHE A 18 -9.19 -9.90 -12.39
N ALA A 19 -8.24 -10.33 -13.22
CA ALA A 19 -8.22 -11.70 -13.74
C ALA A 19 -7.61 -12.67 -12.73
N ASN A 20 -6.61 -12.19 -12.00
CA ASN A 20 -5.93 -12.95 -10.95
C ASN A 20 -5.22 -12.02 -9.97
N ARG A 21 -4.24 -12.54 -9.24
CA ARG A 21 -3.57 -11.78 -8.18
C ARG A 21 -2.66 -10.66 -8.70
N SER A 22 -2.16 -10.82 -9.93
CA SER A 22 -1.20 -9.89 -10.51
C SER A 22 -1.63 -9.29 -11.86
N TRP A 23 -2.94 -9.22 -12.09
CA TRP A 23 -3.46 -8.64 -13.33
C TRP A 23 -4.73 -7.83 -13.07
N SER A 24 -4.74 -6.61 -13.61
CA SER A 24 -5.86 -5.69 -13.44
C SER A 24 -5.81 -4.57 -14.47
N ARG A 25 -7.00 -4.11 -14.88
CA ARG A 25 -7.11 -2.89 -15.66
C ARG A 25 -8.37 -2.12 -15.26
N THR A 26 -8.26 -0.79 -15.29
CA THR A 26 -9.38 0.08 -14.98
C THR A 26 -9.56 1.09 -16.10
N ASP A 27 -10.76 1.11 -16.68
CA ASP A 27 -11.12 2.04 -17.73
C ASP A 27 -12.39 2.78 -17.36
N SER A 28 -12.44 4.07 -17.65
CA SER A 28 -13.60 4.89 -17.33
C SER A 28 -14.07 5.77 -18.48
N VAL A 29 -15.37 6.03 -18.52
CA VAL A 29 -15.97 7.00 -19.43
C VAL A 29 -16.93 7.90 -18.68
N VAL A 30 -17.04 9.16 -19.13
CA VAL A 30 -17.93 10.13 -18.51
C VAL A 30 -18.93 10.65 -19.53
N TRP A 31 -20.22 10.61 -19.17
CA TRP A 31 -21.30 11.09 -20.04
C TRP A 31 -22.10 12.22 -19.42
N LEU A 32 -22.34 13.28 -20.18
CA LEU A 32 -23.33 14.30 -19.82
C LEU A 32 -24.54 14.13 -20.72
N GLY A 33 -25.61 13.55 -20.16
CA GLY A 33 -26.72 13.06 -20.96
C GLY A 33 -26.22 11.91 -21.80
N ASP A 34 -26.36 12.04 -23.11
CA ASP A 34 -25.87 11.02 -24.05
C ASP A 34 -24.67 11.50 -24.87
N LEU A 35 -23.99 12.53 -24.37
CA LEU A 35 -22.74 13.01 -24.96
C LEU A 35 -21.57 12.63 -24.05
N GLN A 36 -20.57 11.97 -24.63
CA GLN A 36 -19.36 11.63 -23.89
C GLN A 36 -18.51 12.88 -23.70
N THR A 37 -18.11 13.13 -22.46
CA THR A 37 -17.29 14.29 -22.13
C THR A 37 -15.85 13.91 -21.81
N HIS A 38 -15.66 12.80 -21.10
CA HIS A 38 -14.32 12.35 -20.71
C HIS A 38 -14.06 10.88 -21.03
N ARG A 39 -12.77 10.57 -21.16
CA ARG A 39 -12.27 9.22 -21.36
C ARG A 39 -11.04 9.04 -20.45
N TRP A 40 -10.96 7.90 -19.77
CA TRP A 40 -9.76 7.60 -18.98
C TRP A 40 -9.32 6.13 -19.14
N SER A 41 -8.45 5.91 -20.11
CA SER A 41 -7.90 4.60 -20.41
C SER A 41 -6.91 4.18 -19.33
N ASN A 42 -6.79 2.87 -19.10
CA ASN A 42 -5.77 2.33 -18.21
C ASN A 42 -4.37 2.75 -18.67
N ASP A 43 -4.20 2.79 -19.99
CA ASP A 43 -2.93 3.15 -20.63
C ASP A 43 -2.45 4.57 -20.30
N SER A 44 -3.39 5.45 -19.97
CA SER A 44 -3.10 6.87 -19.78
C SER A 44 -3.03 7.24 -18.30
N ALA A 45 -2.02 8.05 -17.95
CA ALA A 45 -1.90 8.60 -16.60
C ALA A 45 -2.76 9.85 -16.44
N THR A 46 -3.37 10.30 -17.53
CA THR A 46 -4.15 11.53 -17.57
C THR A 46 -5.59 11.25 -18.03
N ILE A 47 -6.55 11.97 -17.44
CA ILE A 47 -7.94 11.97 -17.90
C ILE A 47 -8.01 12.84 -19.16
N SER A 48 -8.59 12.29 -20.23
CA SER A 48 -8.64 12.97 -21.51
C SER A 48 -10.00 13.62 -21.78
N PHE A 49 -9.97 14.78 -22.44
CA PHE A 49 -11.18 15.45 -22.89
C PHE A 49 -11.61 14.91 -24.24
N THR A 50 -12.91 14.65 -24.37
CA THR A 50 -13.49 14.24 -25.66
C THR A 50 -14.32 15.38 -26.26
N LYS A 51 -14.30 16.53 -25.58
CA LYS A 51 -14.92 17.76 -26.06
C LYS A 51 -14.00 18.94 -25.76
N PRO A 52 -14.12 20.04 -26.53
CA PRO A 52 -13.36 21.25 -26.20
C PRO A 52 -13.82 21.95 -24.93
N TRP A 53 -15.02 21.60 -24.44
CA TRP A 53 -15.60 22.22 -23.25
C TRP A 53 -15.68 21.28 -22.04
N SER A 54 -14.95 20.17 -22.09
CA SER A 54 -15.01 19.13 -21.05
C SER A 54 -14.46 19.56 -19.68
N GLN A 55 -13.64 20.60 -19.68
CA GLN A 55 -13.11 21.14 -18.42
C GLN A 55 -14.21 21.85 -17.63
N GLY A 56 -15.25 22.30 -18.32
CA GLY A 56 -16.33 23.07 -17.71
C GLY A 56 -15.92 24.50 -17.46
N LYS A 57 -16.26 25.02 -16.29
CA LYS A 57 -15.87 26.37 -15.89
C LYS A 57 -14.67 26.36 -14.93
N LEU A 58 -14.19 25.16 -14.59
CA LEU A 58 -13.06 25.00 -13.68
C LEU A 58 -11.76 25.56 -14.25
N SER A 59 -10.92 26.13 -13.38
CA SER A 59 -9.62 26.64 -13.77
C SER A 59 -8.63 25.48 -13.97
N ASN A 60 -7.45 25.79 -14.51
CA ASN A 60 -6.40 24.80 -14.69
C ASN A 60 -5.96 24.19 -13.36
N GLN A 61 -5.72 25.06 -12.37
CA GLN A 61 -5.30 24.64 -11.03
C GLN A 61 -6.40 23.82 -10.33
N GLN A 62 -7.66 24.17 -10.61
CA GLN A 62 -8.80 23.42 -10.08
C GLN A 62 -8.92 22.04 -10.72
N TRP A 63 -8.56 21.96 -11.99
CA TRP A 63 -8.61 20.70 -12.72
C TRP A 63 -7.47 19.76 -12.30
N GLU A 64 -6.26 20.32 -12.16
CA GLU A 64 -5.09 19.54 -11.76
C GLU A 64 -5.27 18.86 -10.40
N LYS A 65 -5.77 19.63 -9.42
CA LYS A 65 -6.05 19.11 -8.08
C LYS A 65 -7.11 18.02 -8.09
N LEU A 66 -8.07 18.13 -9.02
CA LEU A 66 -9.14 17.16 -9.15
C LEU A 66 -8.66 15.89 -9.85
N GLN A 67 -7.84 16.05 -10.88
CA GLN A 67 -7.22 14.94 -11.58
C GLN A 67 -6.25 14.17 -10.68
N HIS A 68 -5.38 14.90 -9.98
CA HIS A 68 -4.44 14.31 -9.03
C HIS A 68 -5.16 13.42 -8.01
N MET A 69 -6.30 13.89 -7.53
CA MET A 69 -7.12 13.14 -6.58
C MET A 69 -7.58 11.81 -7.18
N PHE A 70 -8.02 11.83 -8.43
CA PHE A 70 -8.44 10.61 -9.13
C PHE A 70 -7.25 9.70 -9.44
N GLN A 71 -6.09 10.30 -9.72
CA GLN A 71 -4.86 9.56 -10.00
C GLN A 71 -4.42 8.77 -8.77
N VAL A 72 -4.54 9.38 -7.60
CA VAL A 72 -4.26 8.70 -6.34
C VAL A 72 -5.32 7.63 -6.10
N TYR A 73 -6.56 7.93 -6.50
CA TYR A 73 -7.69 7.02 -6.34
C TYR A 73 -7.55 5.71 -7.14
N ARG A 74 -7.17 5.83 -8.42
CA ARG A 74 -7.07 4.67 -9.31
C ARG A 74 -6.06 3.63 -8.81
N VAL A 75 -4.89 4.12 -8.41
CA VAL A 75 -3.83 3.27 -7.86
C VAL A 75 -4.29 2.61 -6.57
N SER A 76 -4.97 3.38 -5.73
CA SER A 76 -5.41 2.94 -4.41
C SER A 76 -6.54 1.93 -4.47
N PHE A 77 -7.49 2.17 -5.38
CA PHE A 77 -8.62 1.28 -5.59
C PHE A 77 -8.15 -0.10 -6.02
N THR A 78 -7.25 -0.14 -7.00
CA THR A 78 -6.66 -1.37 -7.50
C THR A 78 -6.09 -2.21 -6.35
N ARG A 79 -5.24 -1.58 -5.54
CA ARG A 79 -4.57 -2.25 -4.43
C ARG A 79 -5.56 -2.68 -3.34
N ASP A 80 -6.56 -1.84 -3.08
CA ASP A 80 -7.57 -2.14 -2.06
C ASP A 80 -8.42 -3.37 -2.41
N ILE A 81 -8.86 -3.45 -3.66
CA ILE A 81 -9.64 -4.58 -4.13
C ILE A 81 -8.86 -5.88 -3.96
N GLN A 82 -7.64 -5.94 -4.49
CA GLN A 82 -6.83 -7.15 -4.42
C GLN A 82 -6.43 -7.54 -2.99
N GLU A 83 -6.33 -6.56 -2.09
CA GLU A 83 -6.11 -6.84 -0.67
C GLU A 83 -7.38 -7.39 -0.02
N LEU A 84 -8.54 -6.93 -0.48
CA LEU A 84 -9.83 -7.45 -0.03
C LEU A 84 -10.07 -8.86 -0.56
N VAL A 85 -9.58 -9.14 -1.76
CA VAL A 85 -9.63 -10.48 -2.34
C VAL A 85 -8.88 -11.45 -1.43
N LYS A 86 -7.70 -11.02 -0.96
CA LYS A 86 -6.85 -11.79 -0.05
C LYS A 86 -7.52 -12.05 1.30
N MET A 87 -8.36 -11.12 1.74
CA MET A 87 -9.15 -11.29 2.97
C MET A 87 -10.21 -12.38 2.85
N MET A 88 -10.96 -12.34 1.75
CA MET A 88 -12.15 -13.18 1.59
C MET A 88 -11.86 -14.56 0.99
N SER A 89 -11.10 -14.60 -0.09
CA SER A 89 -10.74 -15.86 -0.75
C SER A 89 -9.21 -16.08 -0.83
N PRO A 90 -8.60 -16.58 0.26
CA PRO A 90 -7.16 -16.86 0.28
C PRO A 90 -6.79 -18.10 -0.54
N ASP A 93 -14.09 -15.72 -6.45
CA ASP A 93 -12.67 -15.96 -6.17
C ASP A 93 -11.79 -15.24 -7.19
N TYR A 94 -11.81 -15.74 -8.42
CA TYR A 94 -11.13 -15.12 -9.58
C TYR A 94 -11.64 -15.78 -10.86
N PRO A 95 -11.92 -14.97 -11.90
CA PRO A 95 -11.70 -13.53 -12.02
C PRO A 95 -12.80 -12.69 -11.36
N ILE A 96 -12.56 -11.37 -11.28
CA ILE A 96 -13.50 -10.46 -10.64
C ILE A 96 -13.73 -9.21 -11.51
N GLU A 97 -15.01 -8.88 -11.70
CA GLU A 97 -15.39 -7.65 -12.41
C GLU A 97 -16.14 -6.72 -11.49
N ILE A 98 -15.65 -5.48 -11.40
CA ILE A 98 -16.27 -4.45 -10.57
C ILE A 98 -16.63 -3.23 -11.42
N GLN A 99 -17.85 -2.73 -11.24
CA GLN A 99 -18.32 -1.55 -11.96
C GLN A 99 -18.79 -0.45 -11.01
N LEU A 100 -18.46 0.79 -11.35
CA LEU A 100 -18.91 1.95 -10.59
C LEU A 100 -19.73 2.90 -11.45
N SER A 101 -20.85 3.36 -10.88
CA SER A 101 -21.67 4.37 -11.51
C SER A 101 -21.82 5.55 -10.56
N ALA A 102 -21.08 6.62 -10.83
CA ALA A 102 -21.04 7.78 -9.96
C ALA A 102 -21.44 9.05 -10.70
N GLY A 103 -22.17 9.92 -10.03
CA GLY A 103 -22.56 11.20 -10.62
C GLY A 103 -23.75 11.84 -9.94
N CYS A 104 -24.45 12.69 -10.69
CA CYS A 104 -25.58 13.43 -10.17
C CYS A 104 -26.54 13.85 -11.28
N GLU A 105 -27.83 13.85 -10.97
CA GLU A 105 -28.87 14.33 -11.88
C GLU A 105 -29.23 15.77 -11.55
N MET A 106 -29.40 16.60 -12.57
CA MET A 106 -29.71 18.02 -12.36
C MET A 106 -31.18 18.35 -12.57
N TYR A 107 -31.71 19.21 -11.69
CA TYR A 107 -33.10 19.63 -11.73
C TYR A 107 -33.21 21.15 -11.66
N PRO A 108 -34.11 21.75 -12.48
CA PRO A 108 -34.40 23.17 -12.32
C PRO A 108 -35.18 23.46 -11.02
N GLY A 109 -34.67 24.36 -10.19
CA GLY A 109 -33.42 25.07 -10.43
C GLY A 109 -32.45 24.98 -9.26
N ASN A 110 -31.19 24.70 -9.58
CA ASN A 110 -30.08 24.63 -8.62
C ASN A 110 -30.14 23.47 -7.60
N ALA A 111 -31.11 22.57 -7.80
CA ALA A 111 -31.25 21.37 -6.97
C ALA A 111 -30.71 20.14 -7.70
N SER A 112 -30.16 19.20 -6.95
CA SER A 112 -29.61 17.96 -7.52
C SER A 112 -29.58 16.80 -6.53
N GLU A 113 -29.58 15.58 -7.05
CA GLU A 113 -29.40 14.37 -6.26
C GLU A 113 -28.21 13.58 -6.78
N SER A 114 -27.28 13.26 -5.89
CA SER A 114 -26.08 12.51 -6.25
C SER A 114 -26.24 11.02 -6.00
N PHE A 115 -25.35 10.22 -6.60
CA PHE A 115 -25.35 8.77 -6.44
C PHE A 115 -23.96 8.17 -6.65
N LEU A 116 -23.70 7.04 -5.99
CA LEU A 116 -22.50 6.26 -6.23
C LEU A 116 -22.88 4.79 -6.10
N HIS A 117 -23.08 4.13 -7.25
CA HIS A 117 -23.46 2.72 -7.26
C HIS A 117 -22.28 1.83 -7.63
N VAL A 118 -22.16 0.70 -6.93
CA VAL A 118 -21.11 -0.28 -7.18
C VAL A 118 -21.74 -1.64 -7.44
N ALA A 119 -21.32 -2.29 -8.53
CA ALA A 119 -21.77 -3.64 -8.86
C ALA A 119 -20.62 -4.65 -8.78
N PHE A 120 -20.95 -5.88 -8.39
CA PHE A 120 -19.99 -6.98 -8.28
C PHE A 120 -20.46 -8.13 -9.15
N GLN A 121 -19.65 -8.46 -10.17
CA GLN A 121 -19.96 -9.49 -11.17
C GLN A 121 -21.22 -9.16 -11.98
N GLY A 122 -21.53 -7.88 -12.09
CA GLY A 122 -22.69 -7.42 -12.86
C GLY A 122 -23.98 -7.31 -12.05
N LYS A 123 -23.88 -7.44 -10.74
CA LYS A 123 -25.02 -7.29 -9.84
C LYS A 123 -24.76 -6.13 -8.87
N TYR A 124 -25.74 -5.23 -8.77
CA TYR A 124 -25.68 -4.06 -7.88
C TYR A 124 -25.71 -4.50 -6.41
N VAL A 125 -24.68 -4.12 -5.66
CA VAL A 125 -24.51 -4.60 -4.27
C VAL A 125 -24.29 -3.52 -3.22
N VAL A 126 -23.59 -2.45 -3.59
CA VAL A 126 -23.19 -1.41 -2.63
C VAL A 126 -23.44 -0.01 -3.19
N ARG A 127 -23.82 0.90 -2.29
CA ARG A 127 -23.97 2.32 -2.61
C ARG A 127 -23.42 3.18 -1.48
N PHE A 128 -22.87 4.35 -1.83
CA PHE A 128 -22.52 5.34 -0.83
C PHE A 128 -23.77 6.12 -0.47
N TRP A 129 -24.12 6.08 0.81
CA TRP A 129 -25.32 6.76 1.31
C TRP A 129 -25.02 7.59 2.54
N GLY A 130 -25.15 8.90 2.41
CA GLY A 130 -24.88 9.83 3.49
C GLY A 130 -23.39 9.98 3.80
N THR A 131 -22.91 9.21 4.76
CA THR A 131 -21.53 9.30 5.24
C THR A 131 -20.76 7.98 5.16
N SER A 132 -21.36 6.94 4.57
CA SER A 132 -20.74 5.61 4.57
C SER A 132 -21.14 4.74 3.39
N TRP A 133 -20.49 3.57 3.27
CA TRP A 133 -20.88 2.54 2.32
C TRP A 133 -22.01 1.70 2.91
N GLN A 134 -22.99 1.36 2.07
CA GLN A 134 -24.11 0.53 2.50
C GLN A 134 -24.44 -0.57 1.49
N THR A 135 -24.61 -1.79 1.99
CA THR A 135 -25.07 -2.90 1.17
C THR A 135 -26.56 -2.70 0.88
N VAL A 136 -26.97 -3.08 -0.32
CA VAL A 136 -28.37 -2.97 -0.73
C VAL A 136 -29.17 -4.17 -0.21
N PRO A 137 -30.51 -4.07 -0.19
CA PRO A 137 -31.32 -5.24 0.18
C PRO A 137 -31.15 -6.39 -0.81
N GLY A 138 -31.01 -7.61 -0.28
CA GLY A 138 -30.79 -8.81 -1.09
C GLY A 138 -29.35 -8.96 -1.56
N ALA A 139 -28.40 -8.53 -0.74
CA ALA A 139 -26.98 -8.61 -1.06
C ALA A 139 -26.29 -9.72 -0.27
N PRO A 140 -25.21 -10.32 -0.83
CA PRO A 140 -24.55 -11.44 -0.14
C PRO A 140 -23.94 -11.00 1.19
N SER A 141 -24.12 -11.82 2.22
CA SER A 141 -23.75 -11.47 3.58
C SER A 141 -22.24 -11.40 3.83
N TRP A 142 -21.44 -11.92 2.89
CA TRP A 142 -19.99 -11.85 3.01
C TRP A 142 -19.43 -10.44 2.78
N LEU A 143 -20.25 -9.56 2.23
CA LEU A 143 -19.87 -8.18 2.00
C LEU A 143 -19.78 -7.35 3.28
N ASP A 144 -20.40 -7.84 4.35
CA ASP A 144 -20.46 -7.14 5.64
C ASP A 144 -19.08 -6.75 6.17
N LEU A 145 -18.13 -7.67 6.07
CA LEU A 145 -16.78 -7.45 6.57
C LEU A 145 -16.00 -6.41 5.73
N PRO A 146 -15.93 -6.58 4.39
CA PRO A 146 -15.31 -5.55 3.55
C PRO A 146 -15.92 -4.16 3.75
N ILE A 147 -17.24 -4.09 3.89
CA ILE A 147 -17.93 -2.83 4.16
C ILE A 147 -17.44 -2.20 5.47
N LYS A 148 -17.38 -3.01 6.53
CA LYS A 148 -16.87 -2.56 7.82
C LYS A 148 -15.43 -2.07 7.71
N VAL A 149 -14.60 -2.82 6.96
CA VAL A 149 -13.21 -2.45 6.73
C VAL A 149 -13.12 -1.10 6.03
N LEU A 150 -13.90 -0.92 4.96
CA LEU A 150 -13.88 0.31 4.17
C LEU A 150 -14.47 1.52 4.90
N ASN A 151 -15.48 1.28 5.74
CA ASN A 151 -16.11 2.36 6.52
C ASN A 151 -15.25 2.91 7.66
N ALA A 152 -14.16 2.21 7.98
CA ALA A 152 -13.21 2.66 8.99
C ALA A 152 -12.32 3.80 8.47
N ASP A 153 -12.36 4.03 7.16
CA ASP A 153 -11.55 5.08 6.53
C ASP A 153 -12.30 6.40 6.49
N GLN A 154 -11.94 7.29 7.42
CA GLN A 154 -12.63 8.59 7.55
C GLN A 154 -12.23 9.57 6.46
N GLY A 155 -10.95 9.51 6.04
CA GLY A 155 -10.45 10.36 4.97
C GLY A 155 -11.18 10.17 3.65
N THR A 156 -11.47 8.92 3.32
CA THR A 156 -12.20 8.60 2.09
C THR A 156 -13.65 9.05 2.20
N SER A 157 -14.28 8.75 3.33
CA SER A 157 -15.66 9.15 3.59
C SER A 157 -15.86 10.66 3.38
N ALA A 158 -14.99 11.46 3.98
CA ALA A 158 -15.01 12.91 3.80
C ALA A 158 -14.83 13.34 2.34
N THR A 159 -13.88 12.71 1.65
CA THR A 159 -13.59 13.04 0.25
C THR A 159 -14.73 12.66 -0.69
N VAL A 160 -15.37 11.51 -0.44
CA VAL A 160 -16.53 11.10 -1.23
C VAL A 160 -17.71 12.05 -0.98
N GLN A 161 -17.92 12.40 0.29
CA GLN A 161 -18.98 13.34 0.67
C GLN A 161 -18.83 14.68 -0.04
N MET A 162 -17.61 15.22 -0.05
CA MET A 162 -17.31 16.47 -0.74
C MET A 162 -17.61 16.38 -2.25
N LEU A 163 -17.28 15.24 -2.85
CA LEU A 163 -17.50 15.02 -4.28
C LEU A 163 -18.97 14.88 -4.66
N LEU A 164 -19.73 14.17 -3.84
CA LEU A 164 -21.16 13.96 -4.10
C LEU A 164 -21.99 15.18 -3.74
N ASN A 165 -21.84 15.66 -2.50
CA ASN A 165 -22.64 16.80 -2.01
C ASN A 165 -22.30 18.12 -2.68
N ASP A 166 -21.02 18.38 -2.91
CA ASP A 166 -20.56 19.69 -3.38
C ASP A 166 -19.97 19.70 -4.79
N THR A 167 -19.03 18.80 -5.07
CA THR A 167 -18.23 18.85 -6.30
C THR A 167 -19.01 18.48 -7.57
N CYS A 168 -19.81 17.42 -7.51
CA CYS A 168 -20.60 16.98 -8.67
C CYS A 168 -21.50 18.11 -9.21
N PRO A 169 -22.40 18.67 -8.38
CA PRO A 169 -23.31 19.69 -8.88
C PRO A 169 -22.61 20.96 -9.35
N LEU A 170 -21.51 21.31 -8.69
CA LEU A 170 -20.76 22.52 -9.04
C LEU A 170 -20.11 22.39 -10.41
N PHE A 171 -19.58 21.21 -10.69
CA PHE A 171 -18.93 20.92 -11.96
C PHE A 171 -19.92 20.83 -13.12
N VAL A 172 -21.04 20.14 -12.90
CA VAL A 172 -22.04 19.88 -13.95
C VAL A 172 -22.71 21.15 -14.44
N ARG A 173 -23.02 22.06 -13.50
CA ARG A 173 -23.57 23.37 -13.85
C ARG A 173 -22.61 24.13 -14.75
N GLY A 174 -21.32 24.00 -14.49
CA GLY A 174 -20.28 24.56 -15.33
C GLY A 174 -20.23 23.92 -16.70
N LEU A 175 -20.40 22.60 -16.74
CA LEU A 175 -20.46 21.85 -17.99
C LEU A 175 -21.67 22.22 -18.84
N LEU A 176 -22.81 22.42 -18.19
CA LEU A 176 -24.05 22.77 -18.87
C LEU A 176 -24.01 24.14 -19.54
N GLU A 177 -23.30 25.09 -18.93
CA GLU A 177 -23.12 26.42 -19.53
C GLU A 177 -22.04 26.39 -20.61
N ALA A 178 -20.99 25.61 -20.37
CA ALA A 178 -19.88 25.48 -21.31
C ALA A 178 -20.27 24.73 -22.57
N GLY A 179 -21.15 23.74 -22.41
CA GLY A 179 -21.59 22.90 -23.53
C GLY A 179 -23.02 23.17 -23.99
N LYS A 180 -23.56 24.33 -23.61
CA LYS A 180 -24.93 24.70 -23.96
C LYS A 180 -25.16 24.62 -25.48
N SER A 181 -24.18 25.07 -26.25
CA SER A 181 -24.25 25.11 -27.71
C SER A 181 -24.37 23.72 -28.35
N ASP A 182 -23.59 22.76 -27.86
CA ASP A 182 -23.60 21.40 -28.39
C ASP A 182 -24.82 20.60 -27.95
N LEU A 183 -25.35 20.90 -26.77
CA LEU A 183 -26.51 20.21 -26.24
C LEU A 183 -27.80 20.63 -26.94
N GLU A 184 -27.86 21.89 -27.35
CA GLU A 184 -29.04 22.43 -28.05
C GLU A 184 -28.93 22.33 -29.58
N LYS A 185 -27.91 21.62 -30.04
CA LYS A 185 -27.61 21.45 -31.46
C LYS A 185 -28.65 20.59 -32.15
N GLN A 186 -29.03 20.97 -33.37
CA GLN A 186 -30.06 20.25 -34.12
C GLN A 186 -29.50 19.62 -35.40
N GLU A 187 -29.72 18.33 -35.56
CA GLU A 187 -29.28 17.60 -36.75
C GLU A 187 -30.44 16.89 -37.42
N LYS A 188 -30.60 17.15 -38.72
CA LYS A 188 -31.71 16.61 -39.51
C LYS A 188 -31.54 15.12 -39.82
N PRO A 189 -32.58 14.31 -39.54
CA PRO A 189 -32.57 12.90 -39.92
C PRO A 189 -32.76 12.70 -41.42
N VAL A 190 -32.34 11.54 -41.91
CA VAL A 190 -32.61 11.09 -43.27
C VAL A 190 -33.27 9.72 -43.14
N ALA A 191 -34.21 9.44 -44.04
CA ALA A 191 -34.94 8.17 -43.99
C ALA A 191 -34.96 7.45 -45.33
N TRP A 192 -35.07 6.13 -45.26
CA TRP A 192 -35.24 5.29 -46.45
C TRP A 192 -36.06 4.03 -46.15
N LEU A 193 -36.57 3.41 -47.19
CA LEU A 193 -37.43 2.25 -47.05
C LEU A 193 -36.78 0.98 -47.60
N SER A 194 -37.04 -0.14 -46.93
CA SER A 194 -36.71 -1.46 -47.45
C SER A 194 -37.73 -2.47 -46.94
N SER A 195 -37.61 -3.72 -47.38
CA SER A 195 -38.49 -4.79 -46.94
C SER A 195 -37.78 -6.12 -46.85
N VAL A 196 -38.23 -6.94 -45.91
CA VAL A 196 -37.63 -8.24 -45.66
C VAL A 196 -38.78 -9.25 -45.49
N PRO A 197 -38.51 -10.56 -45.69
CA PRO A 197 -39.59 -11.50 -45.39
C PRO A 197 -39.93 -11.52 -43.90
N SER A 198 -41.20 -11.66 -43.60
CA SER A 198 -41.67 -11.85 -42.22
C SER A 198 -41.39 -13.29 -41.80
N SER A 199 -41.46 -13.54 -40.50
CA SER A 199 -41.30 -14.90 -39.99
C SER A 199 -42.55 -15.75 -40.28
N ALA A 200 -43.67 -15.07 -40.53
CA ALA A 200 -44.94 -15.73 -40.84
C ALA A 200 -45.15 -15.87 -42.34
N HIS A 201 -45.64 -17.03 -42.76
CA HIS A 201 -45.82 -17.33 -44.18
C HIS A 201 -46.80 -16.37 -44.87
N GLY A 202 -46.36 -15.79 -45.98
CA GLY A 202 -47.20 -14.92 -46.79
C GLY A 202 -47.15 -13.46 -46.35
N HIS A 203 -46.35 -13.19 -45.33
CA HIS A 203 -46.23 -11.84 -44.78
C HIS A 203 -44.91 -11.19 -45.16
N ARG A 204 -44.86 -9.88 -45.02
CA ARG A 204 -43.68 -9.09 -45.34
C ARG A 204 -43.46 -8.09 -44.20
N GLN A 205 -42.19 -7.76 -43.94
CA GLN A 205 -41.88 -6.77 -42.93
C GLN A 205 -41.24 -5.53 -43.57
N LEU A 206 -41.99 -4.43 -43.55
CA LEU A 206 -41.52 -3.16 -44.10
C LEU A 206 -40.67 -2.45 -43.06
N VAL A 207 -39.51 -1.95 -43.49
CA VAL A 207 -38.62 -1.25 -42.60
C VAL A 207 -38.46 0.21 -43.02
N CYS A 208 -38.62 1.09 -42.05
CA CYS A 208 -38.37 2.52 -42.24
C CYS A 208 -37.10 2.91 -41.49
N HIS A 209 -36.00 3.06 -42.22
CA HIS A 209 -34.72 3.42 -41.61
C HIS A 209 -34.64 4.93 -41.40
N VAL A 210 -34.42 5.35 -40.16
CA VAL A 210 -34.29 6.77 -39.82
C VAL A 210 -32.94 7.00 -39.18
N SER A 211 -32.05 7.72 -39.88
CA SER A 211 -30.67 7.86 -39.42
C SER A 211 -30.13 9.29 -39.48
N GLY A 212 -29.30 9.62 -38.50
CA GLY A 212 -28.52 10.86 -38.52
C GLY A 212 -29.08 12.01 -37.70
N PHE A 213 -30.10 11.73 -36.89
CA PHE A 213 -30.77 12.78 -36.14
C PHE A 213 -30.17 13.05 -34.77
N TYR A 214 -30.27 14.31 -34.35
CA TYR A 214 -29.87 14.75 -33.02
C TYR A 214 -30.71 15.98 -32.68
N PRO A 215 -31.20 16.08 -31.42
CA PRO A 215 -31.05 15.17 -30.29
C PRO A 215 -31.89 13.88 -30.41
N LYS A 216 -31.87 13.09 -29.34
CA LYS A 216 -32.45 11.74 -29.31
C LYS A 216 -33.96 11.65 -29.63
N PRO A 217 -34.82 12.42 -28.91
CA PRO A 217 -36.27 12.27 -29.08
C PRO A 217 -36.75 12.35 -30.53
N VAL A 218 -37.50 11.33 -30.95
CA VAL A 218 -38.00 11.23 -32.32
C VAL A 218 -39.39 10.56 -32.34
N TRP A 219 -40.14 10.78 -33.41
CA TRP A 219 -41.44 10.16 -33.63
C TRP A 219 -41.46 9.55 -35.03
N VAL A 220 -41.70 8.24 -35.11
CA VAL A 220 -41.76 7.53 -36.39
C VAL A 220 -42.96 6.56 -36.41
N MET A 221 -43.87 6.74 -37.37
CA MET A 221 -45.03 5.88 -37.50
C MET A 221 -45.37 5.57 -38.95
N TRP A 222 -45.87 4.35 -39.18
CA TRP A 222 -46.43 3.99 -40.48
C TRP A 222 -47.88 4.43 -40.54
N MET A 223 -48.25 5.03 -41.67
CA MET A 223 -49.54 5.70 -41.81
C MET A 223 -50.32 5.18 -43.00
N ARG A 224 -51.65 5.18 -42.86
CA ARG A 224 -52.56 5.12 -44.00
C ARG A 224 -53.43 6.37 -43.95
N GLY A 225 -52.97 7.42 -44.63
CA GLY A 225 -53.61 8.73 -44.56
C GLY A 225 -53.58 9.27 -43.14
N ASP A 226 -54.76 9.51 -42.59
CA ASP A 226 -54.89 10.04 -41.23
C ASP A 226 -54.73 8.98 -40.14
N GLN A 227 -54.56 7.73 -40.55
CA GLN A 227 -54.55 6.60 -39.62
C GLN A 227 -53.15 6.04 -39.31
N GLU A 228 -52.73 6.18 -38.06
CA GLU A 228 -51.50 5.57 -37.57
C GLU A 228 -51.68 4.05 -37.43
N GLN A 229 -50.80 3.28 -38.05
CA GLN A 229 -50.88 1.81 -38.01
C GLN A 229 -50.42 1.30 -36.66
N GLN A 230 -51.34 0.65 -35.93
CA GLN A 230 -51.10 0.25 -34.54
C GLN A 230 -50.13 -0.92 -34.42
N GLY A 231 -49.79 -1.53 -35.55
CA GLY A 231 -48.81 -2.61 -35.61
C GLY A 231 -47.37 -2.14 -35.73
N THR A 232 -47.16 -0.83 -35.86
CA THR A 232 -45.84 -0.25 -36.02
C THR A 232 -44.98 -0.54 -34.79
N HIS A 233 -43.80 -1.11 -35.00
CA HIS A 233 -42.87 -1.39 -33.90
C HIS A 233 -41.58 -0.58 -33.98
N ARG A 234 -41.41 0.31 -33.01
CA ARG A 234 -40.16 1.03 -32.80
C ARG A 234 -39.08 0.06 -32.37
N GLY A 235 -37.92 0.14 -33.02
CA GLY A 235 -36.73 -0.60 -32.58
C GLY A 235 -35.99 0.22 -31.55
N ASP A 236 -34.83 -0.28 -31.12
CA ASP A 236 -33.98 0.44 -30.18
C ASP A 236 -33.21 1.56 -30.89
N PHE A 237 -32.88 2.62 -30.15
CA PHE A 237 -31.97 3.66 -30.64
C PHE A 237 -30.56 3.10 -30.74
N LEU A 238 -29.94 3.26 -31.90
CA LEU A 238 -28.59 2.75 -32.15
C LEU A 238 -27.66 3.91 -32.52
N PRO A 239 -26.46 3.94 -31.92
CA PRO A 239 -25.58 5.10 -32.10
C PRO A 239 -24.86 5.13 -33.43
N ASN A 240 -24.60 6.34 -33.92
CA ASN A 240 -23.66 6.55 -35.01
C ASN A 240 -22.35 7.09 -34.45
N ALA A 241 -21.28 6.94 -35.23
CA ALA A 241 -19.93 7.33 -34.78
C ALA A 241 -19.76 8.84 -34.58
N ASP A 242 -20.60 9.62 -35.26
CA ASP A 242 -20.54 11.09 -35.16
C ASP A 242 -21.48 11.65 -34.10
N GLU A 243 -21.94 10.77 -33.20
CA GLU A 243 -22.80 11.12 -32.06
C GLU A 243 -24.26 11.43 -32.44
N THR A 244 -24.67 10.98 -33.63
CA THR A 244 -26.08 11.05 -34.04
C THR A 244 -26.75 9.71 -33.81
N TRP A 245 -28.05 9.64 -34.08
CA TRP A 245 -28.82 8.44 -33.74
C TRP A 245 -29.48 7.74 -34.92
N TYR A 246 -29.65 6.44 -34.77
CA TYR A 246 -30.30 5.60 -35.75
C TYR A 246 -31.45 4.83 -35.12
N LEU A 247 -32.54 4.70 -35.87
CA LEU A 247 -33.73 4.01 -35.41
C LEU A 247 -34.50 3.48 -36.60
N GLN A 248 -35.08 2.29 -36.47
CA GLN A 248 -35.98 1.79 -37.48
C GLN A 248 -37.36 1.47 -36.93
N ALA A 249 -38.39 1.77 -37.72
CA ALA A 249 -39.75 1.41 -37.37
C ALA A 249 -40.27 0.38 -38.37
N THR A 250 -40.56 -0.82 -37.87
CA THR A 250 -41.00 -1.93 -38.71
C THR A 250 -42.52 -2.08 -38.69
N LEU A 251 -43.06 -2.64 -39.78
CA LEU A 251 -44.49 -2.94 -39.88
C LEU A 251 -44.71 -4.23 -40.66
N ASP A 252 -45.50 -5.12 -40.07
CA ASP A 252 -45.82 -6.40 -40.70
C ASP A 252 -47.08 -6.27 -41.54
N VAL A 253 -46.98 -6.69 -42.80
CA VAL A 253 -48.10 -6.61 -43.74
C VAL A 253 -48.26 -7.90 -44.54
N GLU A 254 -49.47 -8.17 -44.99
CA GLU A 254 -49.71 -9.28 -45.91
C GLU A 254 -49.37 -8.82 -47.32
N ALA A 255 -48.77 -9.71 -48.10
CA ALA A 255 -48.37 -9.40 -49.47
C ALA A 255 -49.54 -8.80 -50.25
N GLY A 256 -49.34 -7.58 -50.75
CA GLY A 256 -50.39 -6.86 -51.49
C GLY A 256 -50.96 -5.66 -50.76
N GLU A 257 -50.74 -5.59 -49.44
CA GLU A 257 -51.26 -4.49 -48.63
C GLU A 257 -50.21 -3.40 -48.38
N GLU A 258 -49.12 -3.42 -49.15
CA GLU A 258 -48.05 -2.44 -49.01
C GLU A 258 -48.45 -1.06 -49.55
N ALA A 259 -49.13 -1.05 -50.70
CA ALA A 259 -49.54 0.17 -51.38
C ALA A 259 -50.47 1.02 -50.52
N GLY A 260 -50.25 2.33 -50.55
CA GLY A 260 -51.03 3.28 -49.76
C GLY A 260 -50.37 3.66 -48.45
N LEU A 261 -49.43 2.83 -48.00
CA LEU A 261 -48.72 3.05 -46.75
C LEU A 261 -47.62 4.08 -46.87
N ALA A 262 -47.39 4.83 -45.79
CA ALA A 262 -46.34 5.84 -45.75
C ALA A 262 -45.63 5.83 -44.40
N CYS A 263 -44.32 6.11 -44.42
CA CYS A 263 -43.58 6.29 -43.17
C CYS A 263 -43.43 7.77 -42.87
N ARG A 264 -43.91 8.17 -41.69
CA ARG A 264 -43.91 9.56 -41.27
C ARG A 264 -42.95 9.78 -40.11
N VAL A 265 -42.07 10.77 -40.24
CA VAL A 265 -41.06 11.06 -39.22
C VAL A 265 -41.21 12.51 -38.74
N LYS A 266 -41.28 12.68 -37.42
CA LYS A 266 -41.33 13.99 -36.79
C LYS A 266 -40.08 14.21 -35.94
N HIS A 267 -39.43 15.35 -36.12
CA HIS A 267 -38.23 15.70 -35.36
C HIS A 267 -38.11 17.21 -35.14
N SER A 268 -37.44 17.59 -34.06
CA SER A 268 -37.27 18.99 -33.67
C SER A 268 -36.44 19.81 -34.66
N SER A 269 -35.64 19.12 -35.47
CA SER A 269 -34.78 19.76 -36.46
C SER A 269 -35.50 20.06 -37.76
N LEU A 270 -36.71 19.52 -37.91
CA LEU A 270 -37.48 19.66 -39.14
C LEU A 270 -38.40 20.88 -39.12
N GLY A 271 -38.74 21.34 -37.91
CA GLY A 271 -39.53 22.55 -37.72
C GLY A 271 -40.96 22.46 -38.22
N GLY A 272 -41.57 21.29 -38.03
CA GLY A 272 -42.95 21.07 -38.45
C GLY A 272 -43.10 20.44 -39.82
N GLN A 273 -42.03 20.47 -40.61
CA GLN A 273 -42.02 19.90 -41.97
C GLN A 273 -41.58 18.44 -41.95
N ASP A 274 -42.55 17.55 -41.75
CA ASP A 274 -42.30 16.12 -41.56
C ASP A 274 -41.76 15.43 -42.81
N ILE A 275 -40.90 14.44 -42.60
CA ILE A 275 -40.46 13.57 -43.69
C ILE A 275 -41.52 12.50 -43.90
N ILE A 276 -42.09 12.47 -45.10
CA ILE A 276 -43.09 11.46 -45.45
C ILE A 276 -42.62 10.67 -46.67
N LEU A 277 -42.34 9.39 -46.45
CA LEU A 277 -41.92 8.49 -47.52
C LEU A 277 -43.04 7.53 -47.84
N TYR A 278 -43.48 7.54 -49.09
CA TYR A 278 -44.56 6.69 -49.57
C TYR A 278 -44.01 5.44 -50.22
N TRP A 279 -44.59 4.29 -49.86
CA TRP A 279 -44.23 3.02 -50.48
C TRP A 279 -44.72 2.99 -51.93
N GLY A 280 -43.83 2.60 -52.84
CA GLY A 280 -44.17 2.43 -54.25
C GLY A 280 -44.15 3.70 -55.08
N SER A 281 -43.70 4.79 -54.48
CA SER A 281 -43.58 6.07 -55.17
C SER A 281 -42.38 6.07 -56.12
N LEU A 282 -42.31 7.08 -56.99
CA LEU A 282 -41.18 7.24 -57.91
C LEU A 282 -39.85 7.32 -57.15
N HIS A 283 -39.85 8.06 -56.05
CA HIS A 283 -38.68 8.21 -55.19
C HIS A 283 -38.24 6.87 -54.61
N HIS A 284 -39.21 6.09 -54.12
CA HIS A 284 -38.94 4.78 -53.51
C HIS A 284 -38.35 3.78 -54.50
N ILE A 285 -38.88 3.76 -55.73
CA ILE A 285 -38.37 2.91 -56.79
C ILE A 285 -36.91 3.23 -57.11
N LEU A 286 -36.58 4.52 -57.12
CA LEU A 286 -35.22 4.98 -57.44
C LEU A 286 -34.19 4.60 -56.39
N ASP A 287 -34.58 4.71 -55.12
CA ASP A 287 -33.68 4.40 -54.01
C ASP A 287 -33.42 2.90 -53.89
N ALA A 288 -34.45 2.09 -54.15
CA ALA A 288 -34.35 0.63 -54.07
C ALA A 288 -33.41 0.03 -55.12
N GLN A 289 -33.44 0.56 -56.34
CA GLN A 289 -32.58 0.06 -57.42
C GLN A 289 -31.12 0.47 -57.25
N LYS A 290 -30.88 1.48 -56.42
CA LYS A 290 -29.54 1.90 -56.06
C LYS A 290 -28.93 1.02 -54.96
N MET A 291 -29.76 0.16 -54.37
CA MET A 291 -29.29 -0.74 -53.30
C MET A 291 -29.60 -2.22 -53.55
N VAL A 292 -29.69 -2.63 -54.81
CA VAL A 292 -29.87 -4.05 -55.15
C VAL A 292 -28.59 -4.84 -54.91
N TRP A 293 -28.73 -6.06 -54.39
CA TRP A 293 -27.59 -6.91 -54.07
C TRP A 293 -27.92 -8.41 -54.20
N ASN A 294 -26.90 -9.26 -54.09
CA ASN A 294 -27.07 -10.71 -54.31
C ASN A 294 -27.73 -11.50 -53.18
N HIS A 295 -28.01 -10.81 -52.06
CA HIS A 295 -28.71 -11.39 -50.91
C HIS A 295 -27.96 -12.53 -50.19
N ARG A 296 -26.63 -12.47 -50.22
CA ARG A 296 -25.76 -13.35 -49.43
C ARG A 296 -25.01 -12.49 -48.40
N HIS A 297 -24.96 -12.91 -47.14
CA HIS A 297 -25.66 -14.07 -46.60
C HIS A 297 -26.77 -13.51 -45.72
N HIS A 298 -27.89 -13.13 -46.33
CA HIS A 298 -29.02 -12.51 -45.63
C HIS A 298 -29.44 -13.26 -44.36
N HIS A 299 -30.00 -12.52 -43.40
CA HIS A 299 -30.47 -13.08 -42.14
C HIS A 299 -31.58 -14.11 -42.34
N HIS A 300 -31.48 -15.23 -41.59
CA HIS A 300 -32.37 -16.38 -41.73
C HIS A 300 -33.85 -16.04 -41.59
N HIS A 301 -34.70 -16.81 -42.30
CA HIS A 301 -36.14 -16.60 -42.27
C HIS A 301 -36.93 -17.91 -42.07
N HIS A 302 -37.67 -17.95 -40.96
CA HIS A 302 -38.48 -19.11 -40.59
C HIS A 302 -39.63 -18.71 -39.67
N GLN B 2 -22.49 -14.52 -16.75
CA GLN B 2 -21.82 -14.48 -18.09
C GLN B 2 -22.85 -14.40 -19.21
N LYS B 3 -22.94 -13.23 -19.84
CA LYS B 3 -23.97 -12.96 -20.84
C LYS B 3 -23.42 -12.86 -22.26
N THR B 4 -24.27 -13.22 -23.24
CA THR B 4 -23.89 -13.34 -24.64
C THR B 4 -24.02 -12.01 -25.40
N PRO B 5 -23.01 -11.67 -26.23
CA PRO B 5 -23.04 -10.45 -27.05
C PRO B 5 -24.14 -10.48 -28.11
N GLN B 6 -24.74 -9.31 -28.36
CA GLN B 6 -25.70 -9.12 -29.44
C GLN B 6 -25.09 -8.21 -30.50
N ILE B 7 -25.10 -8.67 -31.74
CA ILE B 7 -24.45 -7.93 -32.83
C ILE B 7 -25.47 -7.36 -33.80
N GLN B 8 -25.40 -6.04 -33.99
CA GLN B 8 -26.24 -5.32 -34.94
C GLN B 8 -25.36 -4.56 -35.94
N VAL B 9 -25.51 -4.89 -37.23
CA VAL B 9 -24.74 -4.24 -38.29
C VAL B 9 -25.64 -3.35 -39.15
N TYR B 10 -25.22 -2.11 -39.36
CA TYR B 10 -26.02 -1.11 -40.07
C TYR B 10 -25.17 0.04 -40.60
N SER B 11 -25.61 0.61 -41.72
CA SER B 11 -24.88 1.71 -42.36
C SER B 11 -25.32 3.07 -41.84
N ARG B 12 -24.40 4.03 -41.84
CA ARG B 12 -24.66 5.40 -41.41
C ARG B 12 -25.62 6.12 -42.36
N HIS B 13 -25.41 5.96 -43.66
CA HIS B 13 -26.24 6.61 -44.68
C HIS B 13 -27.00 5.58 -45.49
N PRO B 14 -28.03 6.02 -46.26
CA PRO B 14 -28.75 5.08 -47.13
C PRO B 14 -27.77 4.32 -48.03
N PRO B 15 -27.87 2.98 -48.07
CA PRO B 15 -26.98 2.15 -48.89
C PRO B 15 -27.12 2.46 -50.37
N GLU B 16 -26.03 2.91 -50.98
CA GLU B 16 -26.01 3.14 -52.42
C GLU B 16 -24.77 2.47 -53.01
N ASN B 17 -25.01 1.59 -53.98
CA ASN B 17 -23.93 0.88 -54.66
C ASN B 17 -22.96 1.84 -55.33
N GLY B 18 -21.69 1.75 -54.94
CA GLY B 18 -20.63 2.58 -55.53
C GLY B 18 -20.30 3.83 -54.74
N LYS B 19 -21.18 4.22 -53.82
CA LYS B 19 -21.00 5.44 -53.03
C LYS B 19 -20.40 5.16 -51.65
N PRO B 20 -19.39 5.95 -51.24
CA PRO B 20 -18.74 5.80 -49.93
C PRO B 20 -19.71 5.97 -48.75
N ASN B 21 -19.49 5.19 -47.70
CA ASN B 21 -20.38 5.11 -46.55
C ASN B 21 -19.58 4.73 -45.29
N ILE B 22 -20.30 4.52 -44.18
CA ILE B 22 -19.70 4.05 -42.92
C ILE B 22 -20.54 2.90 -42.39
N LEU B 23 -19.90 1.76 -42.11
CA LEU B 23 -20.59 0.59 -41.58
C LEU B 23 -20.39 0.48 -40.08
N ASN B 24 -21.48 0.26 -39.36
CA ASN B 24 -21.45 0.20 -37.90
C ASN B 24 -21.68 -1.22 -37.36
N CYS B 25 -20.83 -1.63 -36.42
CA CYS B 25 -21.05 -2.85 -35.66
C CYS B 25 -21.26 -2.47 -34.20
N TYR B 26 -22.49 -2.68 -33.73
CA TYR B 26 -22.88 -2.30 -32.39
C TYR B 26 -23.12 -3.56 -31.57
N VAL B 27 -22.19 -3.85 -30.66
CA VAL B 27 -22.22 -5.08 -29.86
C VAL B 27 -22.69 -4.77 -28.44
N THR B 28 -23.73 -5.47 -28.00
CA THR B 28 -24.40 -5.15 -26.73
C THR B 28 -24.71 -6.35 -25.85
N GLN B 29 -25.06 -6.08 -24.60
CA GLN B 29 -25.59 -7.07 -23.64
C GLN B 29 -24.57 -8.13 -23.21
N PHE B 30 -23.29 -7.83 -23.36
CA PHE B 30 -22.23 -8.78 -23.01
C PHE B 30 -21.56 -8.48 -21.66
N HIS B 31 -20.94 -9.52 -21.09
CA HIS B 31 -20.28 -9.50 -19.79
C HIS B 31 -19.57 -10.83 -19.63
N PRO B 32 -18.28 -10.83 -19.23
CA PRO B 32 -17.35 -9.75 -18.87
C PRO B 32 -16.96 -8.85 -20.05
N PRO B 33 -16.36 -7.67 -19.76
CA PRO B 33 -16.09 -6.66 -20.79
C PRO B 33 -15.11 -7.11 -21.88
N HIS B 34 -14.14 -7.96 -21.54
CA HIS B 34 -13.11 -8.39 -22.48
C HIS B 34 -13.71 -9.03 -23.72
N ILE B 35 -13.40 -8.45 -24.88
CA ILE B 35 -14.00 -8.86 -26.14
C ILE B 35 -13.08 -8.56 -27.34
N GLU B 36 -13.14 -9.40 -28.36
CA GLU B 36 -12.41 -9.16 -29.60
C GLU B 36 -13.40 -8.96 -30.75
N ILE B 37 -13.29 -7.82 -31.43
CA ILE B 37 -14.22 -7.48 -32.51
C ILE B 37 -13.51 -7.21 -33.83
N GLN B 38 -13.90 -7.94 -34.87
CA GLN B 38 -13.35 -7.75 -36.21
C GLN B 38 -14.47 -7.45 -37.20
N MET B 39 -14.22 -6.49 -38.09
CA MET B 39 -15.09 -6.25 -39.22
C MET B 39 -14.41 -6.78 -40.48
N LEU B 40 -15.18 -7.51 -41.29
CA LEU B 40 -14.61 -8.24 -42.42
C LEU B 40 -15.21 -7.81 -43.76
N LYS B 41 -14.34 -7.70 -44.76
CA LYS B 41 -14.76 -7.54 -46.14
C LYS B 41 -14.30 -8.76 -46.94
N ASN B 42 -15.27 -9.51 -47.46
CA ASN B 42 -15.02 -10.75 -48.18
C ASN B 42 -14.27 -11.80 -47.36
N GLY B 43 -14.55 -11.83 -46.05
CA GLY B 43 -13.93 -12.76 -45.13
C GLY B 43 -12.60 -12.32 -44.56
N LYS B 44 -11.99 -11.31 -45.18
CA LYS B 44 -10.70 -10.78 -44.75
C LYS B 44 -10.87 -9.61 -43.80
N LYS B 45 -9.99 -9.53 -42.81
CA LYS B 45 -10.02 -8.48 -41.79
C LYS B 45 -9.81 -7.09 -42.40
N ILE B 46 -10.66 -6.15 -42.03
CA ILE B 46 -10.49 -4.76 -42.45
C ILE B 46 -9.50 -4.07 -41.51
N PRO B 47 -8.37 -3.56 -42.07
CA PRO B 47 -7.31 -2.98 -41.24
C PRO B 47 -7.70 -1.64 -40.60
N LYS B 48 -8.45 -0.82 -41.33
CA LYS B 48 -8.84 0.50 -40.82
C LYS B 48 -10.21 0.44 -40.14
N VAL B 49 -10.21 -0.03 -38.89
CA VAL B 49 -11.44 -0.10 -38.10
C VAL B 49 -11.25 0.70 -36.81
N GLU B 50 -12.08 1.71 -36.63
CA GLU B 50 -12.06 2.54 -35.43
C GLU B 50 -13.07 2.03 -34.41
N MET B 51 -12.66 2.03 -33.15
CA MET B 51 -13.46 1.50 -32.05
C MET B 51 -13.76 2.63 -31.06
N SER B 52 -15.00 2.68 -30.59
CA SER B 52 -15.38 3.63 -29.54
C SER B 52 -14.99 3.10 -28.17
N ASP B 53 -15.05 3.96 -27.16
CA ASP B 53 -14.81 3.53 -25.79
C ASP B 53 -15.94 2.62 -25.30
N MET B 54 -15.57 1.57 -24.59
CA MET B 54 -16.54 0.67 -24.01
C MET B 54 -17.23 1.32 -22.82
N SER B 55 -18.53 1.09 -22.73
CA SER B 55 -19.36 1.60 -21.64
C SER B 55 -20.35 0.51 -21.22
N PHE B 56 -21.22 0.83 -20.27
CA PHE B 56 -22.28 -0.08 -19.86
C PHE B 56 -23.60 0.63 -19.61
N SER B 57 -24.68 -0.15 -19.58
CA SER B 57 -26.03 0.41 -19.44
C SER B 57 -26.62 0.18 -18.05
N LYS B 58 -27.88 0.56 -17.88
CA LYS B 58 -28.57 0.50 -16.58
C LYS B 58 -28.65 -0.89 -15.97
N ASP B 59 -28.53 -1.93 -16.80
CA ASP B 59 -28.52 -3.31 -16.31
C ASP B 59 -27.10 -3.86 -16.14
N TRP B 60 -26.12 -2.95 -16.18
CA TRP B 60 -24.69 -3.24 -15.98
C TRP B 60 -24.03 -4.07 -17.10
N SER B 61 -24.75 -4.30 -18.19
CA SER B 61 -24.21 -5.03 -19.34
C SER B 61 -23.42 -4.08 -20.23
N PHE B 62 -22.33 -4.57 -20.80
CA PHE B 62 -21.41 -3.74 -21.56
C PHE B 62 -21.83 -3.56 -23.02
N TYR B 63 -21.43 -2.42 -23.60
CA TYR B 63 -21.66 -2.16 -25.01
C TYR B 63 -20.52 -1.35 -25.64
N ILE B 64 -20.31 -1.55 -26.94
CA ILE B 64 -19.23 -0.90 -27.66
C ILE B 64 -19.59 -0.77 -29.16
N LEU B 65 -19.21 0.35 -29.76
CA LEU B 65 -19.46 0.58 -31.19
C LEU B 65 -18.16 0.54 -32.00
N ALA B 66 -18.17 -0.26 -33.05
CA ALA B 66 -17.07 -0.33 -34.01
C ALA B 66 -17.55 0.19 -35.35
N HIS B 67 -16.73 0.99 -36.02
CA HIS B 67 -17.10 1.55 -37.31
C HIS B 67 -15.94 1.64 -38.28
N THR B 68 -16.23 1.45 -39.56
CA THR B 68 -15.24 1.60 -40.62
C THR B 68 -15.84 2.22 -41.88
N GLU B 69 -14.98 2.93 -42.62
CA GLU B 69 -15.33 3.48 -43.92
C GLU B 69 -15.45 2.34 -44.93
N PHE B 70 -16.55 2.28 -45.67
CA PHE B 70 -16.78 1.21 -46.66
C PHE B 70 -17.58 1.67 -47.87
N THR B 71 -17.59 0.84 -48.91
CA THR B 71 -18.38 1.09 -50.12
C THR B 71 -19.24 -0.15 -50.45
N PRO B 72 -20.57 -0.02 -50.32
CA PRO B 72 -21.44 -1.15 -50.62
C PRO B 72 -21.50 -1.42 -52.11
N THR B 73 -21.54 -2.69 -52.49
CA THR B 73 -21.74 -3.10 -53.88
C THR B 73 -22.81 -4.19 -53.96
N GLU B 74 -23.03 -4.72 -55.16
CA GLU B 74 -24.00 -5.79 -55.36
C GLU B 74 -23.49 -7.14 -54.83
N THR B 75 -22.17 -7.29 -54.80
CA THR B 75 -21.54 -8.60 -54.57
C THR B 75 -20.60 -8.69 -53.36
N ASP B 76 -19.98 -7.57 -52.97
CA ASP B 76 -19.07 -7.54 -51.81
C ASP B 76 -19.82 -7.79 -50.51
N THR B 77 -19.37 -8.78 -49.75
CA THR B 77 -19.99 -9.10 -48.46
C THR B 77 -19.29 -8.37 -47.32
N TYR B 78 -20.07 -7.97 -46.33
CA TYR B 78 -19.54 -7.35 -45.12
C TYR B 78 -20.08 -8.04 -43.88
N ALA B 79 -19.21 -8.24 -42.90
CA ALA B 79 -19.57 -8.96 -41.68
C ALA B 79 -18.86 -8.42 -40.46
N CYS B 80 -19.44 -8.70 -39.29
CA CYS B 80 -18.81 -8.38 -38.01
C CYS B 80 -18.63 -9.67 -37.22
N ARG B 81 -17.39 -9.95 -36.82
CA ARG B 81 -17.06 -11.16 -36.09
C ARG B 81 -16.62 -10.82 -34.66
N VAL B 82 -17.25 -11.48 -33.69
CA VAL B 82 -17.04 -11.17 -32.28
C VAL B 82 -16.59 -12.40 -31.50
N LYS B 83 -15.48 -12.27 -30.79
CA LYS B 83 -14.94 -13.34 -29.95
C LYS B 83 -15.16 -12.98 -28.47
N HIS B 84 -15.84 -13.87 -27.75
CA HIS B 84 -16.16 -13.63 -26.34
C HIS B 84 -16.18 -14.97 -25.59
N ALA B 85 -15.95 -14.91 -24.27
CA ALA B 85 -15.82 -16.11 -23.45
C ALA B 85 -17.14 -16.87 -23.24
N SER B 86 -18.26 -16.18 -23.44
CA SER B 86 -19.59 -16.78 -23.31
C SER B 86 -19.96 -17.64 -24.52
N MET B 87 -19.11 -17.61 -25.55
CA MET B 87 -19.28 -18.39 -26.77
C MET B 87 -18.06 -19.28 -27.01
N ALA B 88 -18.32 -20.51 -27.46
CA ALA B 88 -17.24 -21.46 -27.78
C ALA B 88 -16.51 -21.03 -29.05
N GLU B 89 -17.30 -20.76 -30.10
CA GLU B 89 -16.77 -20.24 -31.36
C GLU B 89 -17.16 -18.78 -31.53
N PRO B 90 -16.37 -18.00 -32.30
CA PRO B 90 -16.71 -16.60 -32.55
C PRO B 90 -17.98 -16.47 -33.39
N LYS B 91 -18.77 -15.43 -33.12
CA LYS B 91 -20.03 -15.19 -33.81
C LYS B 91 -19.86 -14.21 -34.95
N THR B 92 -20.34 -14.60 -36.13
CA THR B 92 -20.27 -13.77 -37.31
C THR B 92 -21.68 -13.35 -37.76
N VAL B 93 -21.92 -12.05 -37.83
CA VAL B 93 -23.17 -11.50 -38.33
C VAL B 93 -22.90 -10.63 -39.54
N TYR B 94 -23.49 -11.01 -40.68
CA TYR B 94 -23.30 -10.30 -41.94
C TYR B 94 -24.23 -9.10 -42.06
N TRP B 95 -23.76 -8.07 -42.77
CA TRP B 95 -24.55 -6.88 -43.04
C TRP B 95 -25.67 -7.17 -44.04
N ASP B 96 -26.90 -6.97 -43.58
CA ASP B 96 -28.08 -7.08 -44.41
C ASP B 96 -28.73 -5.69 -44.46
N ARG B 97 -28.63 -5.05 -45.62
CA ARG B 97 -29.14 -3.69 -45.79
C ARG B 97 -30.67 -3.58 -45.72
N ASP B 98 -31.36 -4.70 -45.97
CA ASP B 98 -32.82 -4.75 -45.93
C ASP B 98 -33.35 -4.85 -44.51
N MET B 99 -32.58 -5.49 -43.63
CA MET B 99 -32.87 -5.54 -42.20
C MET B 99 -32.61 -4.16 -41.60
N THR C 1 14.25 3.96 -0.83
CA THR C 1 13.52 4.18 0.45
C THR C 1 12.59 5.38 0.33
N GLN C 2 11.36 5.22 0.79
CA GLN C 2 10.33 6.24 0.67
C GLN C 2 10.16 7.08 1.96
N VAL C 3 10.90 6.74 2.99
CA VAL C 3 10.91 7.50 4.25
C VAL C 3 12.35 7.74 4.68
N GLU C 4 12.80 9.00 4.61
CA GLU C 4 14.17 9.35 4.97
C GLU C 4 14.23 10.22 6.21
N GLN C 5 15.15 9.89 7.12
CA GLN C 5 15.33 10.62 8.37
C GLN C 5 16.72 11.26 8.46
N SER C 6 16.78 12.46 9.05
CA SER C 6 18.04 13.14 9.29
C SER C 6 17.99 13.83 10.65
N PRO C 7 19.13 13.85 11.37
CA PRO C 7 20.43 13.30 10.98
C PRO C 7 20.48 11.79 11.18
N GLN C 8 21.59 11.16 10.79
CA GLN C 8 21.77 9.74 11.02
C GLN C 8 21.79 9.49 12.53
N SER C 9 22.60 10.27 13.23
CA SER C 9 22.63 10.27 14.69
C SER C 9 22.84 11.68 15.25
N LEU C 10 22.38 11.90 16.48
CA LEU C 10 22.43 13.21 17.09
C LEU C 10 22.93 13.14 18.53
N VAL C 11 23.97 13.90 18.82
CA VAL C 11 24.50 14.03 20.18
C VAL C 11 24.04 15.37 20.75
N VAL C 12 23.33 15.32 21.89
CA VAL C 12 22.89 16.54 22.58
C VAL C 12 23.23 16.52 24.07
N ARG C 13 23.51 17.70 24.61
CA ARG C 13 23.75 17.88 26.03
C ARG C 13 22.44 17.76 26.80
N GLN C 14 22.44 16.95 27.85
CA GLN C 14 21.30 16.80 28.77
C GLN C 14 20.68 18.14 29.14
N GLY C 15 19.36 18.25 28.99
CA GLY C 15 18.64 19.46 29.36
C GLY C 15 18.37 20.43 28.23
N GLU C 16 19.11 20.28 27.13
CA GLU C 16 18.89 21.08 25.93
C GLU C 16 17.81 20.43 25.06
N ASN C 17 17.40 21.15 24.00
CA ASN C 17 16.39 20.65 23.06
C ASN C 17 17.01 19.93 21.88
N SER C 18 16.37 18.85 21.43
CA SER C 18 16.81 18.12 20.25
C SER C 18 15.73 18.06 19.18
N VAL C 19 16.14 18.26 17.93
CA VAL C 19 15.24 18.33 16.78
C VAL C 19 15.56 17.19 15.80
N LEU C 20 14.51 16.44 15.43
CA LEU C 20 14.64 15.31 14.49
C LEU C 20 13.74 15.48 13.27
N GLN C 21 14.28 15.19 12.09
CA GLN C 21 13.58 15.44 10.83
C GLN C 21 13.07 14.16 10.16
N CYS C 22 12.00 14.32 9.36
CA CYS C 22 11.48 13.25 8.53
C CYS C 22 11.06 13.81 7.17
N ASN C 23 11.48 13.14 6.10
CA ASN C 23 11.07 13.49 4.74
C ASN C 23 10.65 12.24 4.00
N TYR C 24 9.46 12.26 3.42
CA TYR C 24 8.90 11.08 2.76
C TYR C 24 8.34 11.38 1.37
N SER C 25 8.17 10.33 0.56
CA SER C 25 7.57 10.44 -0.76
C SER C 25 6.38 9.48 -0.94
N VAL C 26 5.96 8.87 0.16
CA VAL C 26 4.83 7.94 0.20
C VAL C 26 3.53 8.56 -0.33
N THR C 27 2.85 7.86 -1.22
CA THR C 27 1.59 8.31 -1.81
C THR C 27 0.58 7.17 -1.81
N PRO C 28 -0.57 7.35 -1.14
CA PRO C 28 -0.95 8.56 -0.42
C PRO C 28 -0.43 8.56 1.01
N ASP C 29 -0.41 9.74 1.64
CA ASP C 29 0.05 9.87 3.02
C ASP C 29 -1.11 10.12 3.96
N ASN C 30 -1.63 9.04 4.55
CA ASN C 30 -2.77 9.12 5.46
C ASN C 30 -2.40 9.74 6.80
N HIS C 31 -1.41 9.13 7.44
CA HIS C 31 -0.94 9.57 8.75
C HIS C 31 0.56 9.36 8.91
N LEU C 32 1.15 10.08 9.86
CA LEU C 32 2.56 9.92 10.20
C LEU C 32 2.69 9.66 11.71
N ARG C 33 3.49 8.66 12.05
CA ARG C 33 3.66 8.23 13.43
C ARG C 33 5.14 8.16 13.83
N TRP C 34 5.45 8.70 15.00
CA TRP C 34 6.81 8.62 15.56
C TRP C 34 6.90 7.54 16.64
N PHE C 35 7.92 6.68 16.52
CA PHE C 35 8.18 5.65 17.52
C PHE C 35 9.50 5.91 18.26
N LYS C 36 9.60 5.39 19.47
CA LYS C 36 10.84 5.38 20.23
C LYS C 36 11.26 3.94 20.46
N GLN C 37 12.50 3.63 20.11
CA GLN C 37 13.05 2.28 20.31
C GLN C 37 14.26 2.28 21.24
N ASP C 38 14.05 1.80 22.45
CA ASP C 38 15.14 1.59 23.39
C ASP C 38 15.97 0.40 22.94
N THR C 39 17.27 0.45 23.24
CA THR C 39 18.20 -0.60 22.81
C THR C 39 17.82 -1.96 23.39
N GLY C 40 17.60 -2.93 22.51
CA GLY C 40 17.19 -4.28 22.89
C GLY C 40 15.71 -4.37 23.27
N LYS C 41 14.90 -3.48 22.70
CA LYS C 41 13.46 -3.46 22.97
C LYS C 41 12.66 -3.23 21.68
N GLY C 42 11.34 -3.13 21.83
CA GLY C 42 10.45 -2.94 20.69
C GLY C 42 10.13 -1.49 20.40
N LEU C 43 9.30 -1.26 19.40
CA LEU C 43 8.86 0.08 19.03
C LEU C 43 7.65 0.49 19.87
N VAL C 44 7.75 1.68 20.48
CA VAL C 44 6.67 2.22 21.30
C VAL C 44 6.23 3.56 20.71
N SER C 45 4.94 3.66 20.40
CA SER C 45 4.39 4.86 19.76
C SER C 45 4.46 6.09 20.67
N LEU C 46 4.84 7.22 20.08
CA LEU C 46 4.93 8.49 20.81
C LEU C 46 3.75 9.43 20.48
N THR C 47 3.42 9.52 19.19
CA THR C 47 2.35 10.41 18.73
C THR C 47 1.91 10.14 17.28
N VAL C 48 0.68 10.53 16.96
CA VAL C 48 0.11 10.38 15.62
C VAL C 48 -0.22 11.74 15.00
N LEU C 49 0.14 11.92 13.75
CA LEU C 49 -0.19 13.14 13.01
C LEU C 49 -1.05 12.79 11.79
N VAL C 50 -2.27 13.32 11.76
CA VAL C 50 -3.28 12.92 10.77
C VAL C 50 -3.57 14.00 9.71
N ASP C 51 -3.69 15.25 10.13
CA ASP C 51 -4.15 16.32 9.24
C ASP C 51 -3.07 16.87 8.29
N GLN C 52 -3.53 17.60 7.28
CA GLN C 52 -2.68 18.23 6.26
C GLN C 52 -1.61 19.12 6.88
N LYS C 53 -2.02 19.97 7.81
CA LYS C 53 -1.12 20.73 8.65
C LYS C 53 -1.48 20.38 10.09
N ASP C 54 -0.65 19.56 10.72
CA ASP C 54 -0.96 19.04 12.04
C ASP C 54 0.13 19.37 13.05
N LYS C 55 -0.27 19.58 14.30
CA LYS C 55 0.67 19.75 15.40
C LYS C 55 0.23 18.91 16.59
N THR C 56 1.19 18.28 17.25
CA THR C 56 0.91 17.37 18.35
C THR C 56 1.85 17.61 19.52
N SER C 57 1.41 17.24 20.73
CA SER C 57 2.17 17.50 21.94
C SER C 57 1.88 16.44 22.99
N ASN C 58 2.94 15.95 23.62
CA ASN C 58 2.84 14.93 24.68
C ASN C 58 4.00 15.00 25.65
N GLY C 59 3.84 15.79 26.70
CA GLY C 59 4.90 16.03 27.68
C GLY C 59 6.03 16.83 27.06
N ARG C 60 7.22 16.24 27.04
CA ARG C 60 8.39 16.87 26.44
C ARG C 60 8.37 16.77 24.91
N TYR C 61 7.69 15.76 24.39
CA TYR C 61 7.59 15.53 22.95
C TYR C 61 6.56 16.46 22.30
N SER C 62 6.93 17.05 21.18
CA SER C 62 5.99 17.78 20.34
C SER C 62 6.39 17.62 18.87
N ALA C 63 5.42 17.35 18.01
CA ALA C 63 5.69 17.12 16.61
C ALA C 63 4.82 17.97 15.69
N THR C 64 5.27 18.15 14.45
CA THR C 64 4.52 18.87 13.43
C THR C 64 4.51 18.06 12.13
N LEU C 65 3.45 18.24 11.34
CA LEU C 65 3.36 17.60 10.03
C LEU C 65 2.90 18.57 8.96
N ASP C 66 3.61 18.53 7.82
CA ASP C 66 3.25 19.31 6.64
C ASP C 66 3.16 18.34 5.46
N LYS C 67 1.94 18.07 5.01
CA LYS C 67 1.72 17.09 3.95
C LYS C 67 2.04 17.62 2.54
N ASP C 68 1.94 18.94 2.38
CA ASP C 68 2.28 19.59 1.11
C ASP C 68 3.79 19.58 0.88
N ALA C 69 4.55 19.54 1.97
CA ALA C 69 6.00 19.43 1.90
C ALA C 69 6.44 17.98 2.13
N LYS C 70 5.49 17.16 2.58
CA LYS C 70 5.76 15.77 2.98
C LYS C 70 6.90 15.71 4.00
N HIS C 71 6.79 16.55 5.01
CA HIS C 71 7.86 16.76 5.98
C HIS C 71 7.32 16.76 7.41
N SER C 72 8.09 16.17 8.32
CA SER C 72 7.75 16.13 9.74
C SER C 72 8.95 16.45 10.62
N THR C 73 8.68 16.95 11.82
CA THR C 73 9.72 17.30 12.79
C THR C 73 9.28 16.86 14.19
N LEU C 74 10.17 16.17 14.90
CA LEU C 74 9.93 15.80 16.29
C LEU C 74 10.83 16.59 17.20
N HIS C 75 10.23 17.29 18.16
CA HIS C 75 10.96 18.08 19.14
C HIS C 75 10.98 17.37 20.49
N ILE C 76 12.17 17.27 21.08
CA ILE C 76 12.31 16.84 22.46
C ILE C 76 12.83 18.02 23.27
N THR C 77 11.97 18.54 24.14
CA THR C 77 12.30 19.71 24.96
C THR C 77 12.87 19.26 26.30
N ALA C 78 14.01 19.86 26.68
CA ALA C 78 14.72 19.52 27.92
C ALA C 78 15.01 18.02 28.01
N THR C 79 15.92 17.57 27.16
CA THR C 79 16.19 16.14 26.97
C THR C 79 16.80 15.47 28.21
N LEU C 80 16.33 14.27 28.50
CA LEU C 80 16.82 13.47 29.63
C LEU C 80 17.75 12.35 29.17
N LEU C 81 18.45 11.72 30.13
CA LEU C 81 19.34 10.59 29.84
C LEU C 81 18.59 9.40 29.27
N ASP C 82 17.44 9.07 29.87
CA ASP C 82 16.63 7.94 29.43
C ASP C 82 15.95 8.18 28.08
N ASP C 83 16.15 9.37 27.52
CA ASP C 83 15.71 9.67 26.15
C ASP C 83 16.69 9.13 25.10
N THR C 84 17.77 8.49 25.55
CA THR C 84 18.73 7.87 24.64
C THR C 84 18.12 6.61 24.02
N ALA C 85 17.84 6.71 22.71
CA ALA C 85 17.13 5.68 21.96
C ALA C 85 17.15 6.00 20.46
N THR C 86 16.67 5.06 19.65
CA THR C 86 16.48 5.31 18.23
C THR C 86 15.06 5.82 18.01
N TYR C 87 14.94 6.90 17.25
CA TYR C 87 13.63 7.46 16.93
C TYR C 87 13.31 7.20 15.47
N ILE C 88 12.17 6.54 15.25
CA ILE C 88 11.79 6.06 13.92
C ILE C 88 10.53 6.77 13.41
N CYS C 89 10.58 7.21 12.17
CA CYS C 89 9.47 7.88 11.49
C CYS C 89 8.70 6.87 10.65
N VAL C 90 7.38 6.81 10.84
CA VAL C 90 6.53 5.83 10.12
C VAL C 90 5.31 6.48 9.45
N VAL C 91 5.17 6.25 8.15
CA VAL C 91 4.05 6.76 7.38
C VAL C 91 3.13 5.62 6.95
N GLY C 92 1.82 5.77 7.19
CA GLY C 92 0.83 4.80 6.75
C GLY C 92 0.01 5.32 5.59
N ASP C 93 -0.22 4.48 4.58
CA ASP C 93 -0.84 4.93 3.32
C ASP C 93 -2.36 4.74 3.22
N ARG C 94 -2.97 4.21 4.28
CA ARG C 94 -4.43 4.09 4.35
C ARG C 94 -4.93 4.42 5.75
N GLY C 95 -6.19 4.83 5.85
CA GLY C 95 -6.85 5.01 7.14
C GLY C 95 -7.73 3.82 7.45
N SER C 96 -7.25 2.63 7.08
CA SER C 96 -8.00 1.38 7.23
C SER C 96 -7.06 0.19 7.44
N ALA C 97 -7.65 -0.99 7.63
CA ALA C 97 -6.90 -2.23 7.85
C ALA C 97 -6.07 -2.65 6.63
N LEU C 98 -6.41 -2.11 5.46
CA LEU C 98 -5.75 -2.49 4.21
C LEU C 98 -4.48 -1.68 3.95
N GLY C 99 -3.98 -1.02 5.00
CA GLY C 99 -2.82 -0.15 4.88
C GLY C 99 -1.48 -0.84 5.00
N ARG C 100 -0.45 -0.17 4.49
CA ARG C 100 0.93 -0.63 4.61
C ARG C 100 1.73 0.49 5.26
N LEU C 101 2.48 0.15 6.30
CA LEU C 101 3.34 1.11 6.99
C LEU C 101 4.70 1.19 6.30
N HIS C 102 5.20 2.42 6.17
CA HIS C 102 6.49 2.66 5.56
C HIS C 102 7.45 3.21 6.61
N PHE C 103 8.58 2.52 6.79
CA PHE C 103 9.51 2.81 7.87
C PHE C 103 10.77 3.54 7.41
N GLY C 104 11.23 4.49 8.23
CA GLY C 104 12.53 5.12 8.06
C GLY C 104 13.58 4.42 8.90
N ALA C 105 14.85 4.55 8.49
CA ALA C 105 15.95 3.87 9.17
C ALA C 105 16.10 4.28 10.63
N GLY C 106 15.67 5.50 10.94
CA GLY C 106 15.73 6.01 12.31
C GLY C 106 16.90 6.93 12.59
N THR C 107 16.72 7.81 13.56
CA THR C 107 17.80 8.64 14.10
C THR C 107 18.20 8.09 15.46
N GLN C 108 19.50 7.89 15.66
CA GLN C 108 20.01 7.49 16.96
C GLN C 108 20.30 8.73 17.80
N LEU C 109 19.60 8.86 18.93
CA LEU C 109 19.80 9.99 19.84
C LEU C 109 20.69 9.59 21.01
N ILE C 110 21.78 10.34 21.18
CA ILE C 110 22.72 10.13 22.28
C ILE C 110 22.74 11.35 23.21
N VAL C 111 22.31 11.15 24.44
CA VAL C 111 22.23 12.22 25.42
C VAL C 111 23.44 12.14 26.37
N ILE C 112 24.31 13.13 26.28
CA ILE C 112 25.53 13.16 27.09
C ILE C 112 25.34 13.98 28.37
N PRO C 113 25.73 13.40 29.52
CA PRO C 113 25.43 14.03 30.81
C PRO C 113 26.29 15.28 31.05
N ASP C 114 25.69 16.29 31.68
CA ASP C 114 26.43 17.48 32.08
C ASP C 114 27.15 17.22 33.40
N ILE C 115 28.46 16.98 33.31
CA ILE C 115 29.29 16.76 34.49
C ILE C 115 29.74 18.10 35.07
N GLN C 116 29.14 18.47 36.19
CA GLN C 116 29.38 19.78 36.82
C GLN C 116 30.78 19.88 37.43
N ASN C 117 31.25 18.78 38.00
CA ASN C 117 32.57 18.74 38.61
C ASN C 117 33.42 17.55 38.13
N PRO C 118 34.17 17.74 37.03
CA PRO C 118 35.04 16.70 36.52
C PRO C 118 36.15 16.38 37.52
N ASP C 119 36.34 15.10 37.79
CA ASP C 119 37.43 14.62 38.62
C ASP C 119 38.14 13.46 37.89
N PRO C 120 38.67 13.72 36.68
CA PRO C 120 39.19 12.65 35.83
C PRO C 120 40.35 11.87 36.47
N ALA C 121 40.28 10.55 36.38
CA ALA C 121 41.32 9.68 36.91
C ALA C 121 41.36 8.33 36.20
N VAL C 122 42.51 7.67 36.27
CA VAL C 122 42.66 6.29 35.76
C VAL C 122 43.11 5.38 36.90
N TYR C 123 42.23 4.46 37.29
CA TYR C 123 42.48 3.56 38.42
C TYR C 123 42.77 2.13 37.94
N GLN C 124 43.57 1.41 38.73
CA GLN C 124 43.85 0.01 38.46
C GLN C 124 43.02 -0.88 39.39
N LEU C 125 42.27 -1.81 38.80
CA LEU C 125 41.40 -2.70 39.54
C LEU C 125 41.85 -4.15 39.41
N ARG C 126 41.92 -4.85 40.55
CA ARG C 126 42.40 -6.25 40.55
C ARG C 126 41.27 -7.28 40.64
N ASP C 127 41.49 -8.43 39.99
CA ASP C 127 40.53 -9.52 39.92
C ASP C 127 40.17 -10.05 41.32
N SER C 128 38.90 -10.37 41.51
CA SER C 128 38.40 -10.95 42.76
C SER C 128 38.99 -12.33 43.04
N LYS C 129 39.10 -13.15 41.99
CA LYS C 129 39.61 -14.52 42.12
C LYS C 129 41.14 -14.54 42.17
N SER C 130 41.77 -14.03 41.13
CA SER C 130 43.23 -14.05 41.03
C SER C 130 43.83 -12.67 41.25
N SER C 131 45.05 -12.64 41.76
CA SER C 131 45.76 -11.38 41.97
C SER C 131 46.32 -10.81 40.67
N ASP C 132 46.76 -11.71 39.78
CA ASP C 132 47.51 -11.35 38.58
C ASP C 132 46.74 -10.53 37.53
N LYS C 133 45.49 -10.89 37.26
CA LYS C 133 44.67 -10.18 36.26
C LYS C 133 44.16 -8.85 36.80
N SER C 134 44.23 -7.81 35.96
CA SER C 134 43.75 -6.48 36.33
C SER C 134 43.18 -5.71 35.14
N VAL C 135 42.36 -4.70 35.44
CA VAL C 135 41.84 -3.76 34.44
C VAL C 135 42.17 -2.31 34.80
N CYS C 136 42.04 -1.42 33.82
CA CYS C 136 42.19 0.03 34.06
C CYS C 136 40.87 0.74 33.80
N LEU C 137 40.47 1.59 34.74
CA LEU C 137 39.21 2.31 34.66
C LEU C 137 39.45 3.82 34.58
N PHE C 138 39.22 4.37 33.39
CA PHE C 138 39.23 5.81 33.17
C PHE C 138 37.83 6.31 33.51
N THR C 139 37.74 7.20 34.49
CA THR C 139 36.45 7.61 35.04
C THR C 139 36.39 9.09 35.45
N ASP C 140 35.17 9.61 35.54
CA ASP C 140 34.87 10.96 36.04
C ASP C 140 35.38 12.11 35.19
N PHE C 141 35.52 11.86 33.89
CA PHE C 141 35.92 12.90 32.94
C PHE C 141 34.68 13.58 32.36
N ASP C 142 34.84 14.84 31.95
CA ASP C 142 33.72 15.56 31.32
C ASP C 142 33.43 15.06 29.90
N SER C 143 32.20 15.29 29.45
CA SER C 143 31.74 14.82 28.15
C SER C 143 32.49 15.47 26.98
N GLN C 144 33.48 16.28 27.33
CA GLN C 144 34.39 16.90 26.37
C GLN C 144 35.38 15.87 25.82
N THR C 145 35.66 14.84 26.61
CA THR C 145 36.63 13.81 26.27
C THR C 145 36.01 12.68 25.42
N ASN C 146 36.64 12.42 24.26
CA ASN C 146 36.30 11.25 23.44
C ASN C 146 37.34 10.15 23.62
N VAL C 147 36.86 8.94 23.95
CA VAL C 147 37.74 7.80 24.20
C VAL C 147 38.08 7.07 22.90
N SER C 148 39.33 7.22 22.45
CA SER C 148 39.79 6.61 21.21
C SER C 148 40.01 5.10 21.38
N GLN C 149 40.03 4.39 20.27
CA GLN C 149 40.21 2.95 20.28
C GLN C 149 41.69 2.56 20.38
N SER C 150 41.96 1.26 20.37
CA SER C 150 43.30 0.73 20.57
C SER C 150 44.08 0.57 19.27
N LYS C 151 45.30 1.10 19.25
CA LYS C 151 46.20 0.96 18.11
C LYS C 151 46.91 -0.39 18.16
N ASP C 152 47.02 -0.95 19.37
CA ASP C 152 47.60 -2.28 19.58
C ASP C 152 46.48 -3.32 19.61
N SER C 153 46.73 -4.45 18.95
CA SER C 153 45.77 -5.55 18.92
C SER C 153 45.70 -6.31 20.25
N ASP C 154 46.74 -6.15 21.07
CA ASP C 154 46.83 -6.82 22.36
C ASP C 154 46.16 -6.02 23.49
N VAL C 155 45.85 -4.76 23.22
CA VAL C 155 45.17 -3.89 24.18
C VAL C 155 43.70 -3.71 23.77
N TYR C 156 42.80 -3.86 24.74
CA TYR C 156 41.37 -3.70 24.52
C TYR C 156 40.83 -2.51 25.29
N ILE C 157 40.21 -1.57 24.58
CA ILE C 157 39.59 -0.39 25.19
C ILE C 157 38.11 -0.30 24.81
N THR C 158 37.26 -0.14 25.82
CA THR C 158 35.82 -0.01 25.59
C THR C 158 35.45 1.45 25.32
N ASP C 159 34.27 1.66 24.75
CA ASP C 159 33.73 3.01 24.56
C ASP C 159 33.18 3.52 25.88
N LYS C 160 33.05 4.84 26.02
CA LYS C 160 32.61 5.45 27.27
C LYS C 160 31.16 5.13 27.63
N CYS C 161 30.88 5.10 28.93
CA CYS C 161 29.61 4.65 29.47
C CYS C 161 29.16 5.60 30.57
N VAL C 162 27.87 5.91 30.60
CA VAL C 162 27.29 6.84 31.57
C VAL C 162 26.51 6.10 32.65
N LEU C 163 26.88 6.29 33.92
CA LEU C 163 26.12 5.69 35.02
C LEU C 163 25.49 6.73 35.95
N ASP C 164 24.24 6.48 36.30
CA ASP C 164 23.48 7.34 37.20
C ASP C 164 23.41 6.69 38.58
N MET C 165 24.02 7.34 39.57
CA MET C 165 23.82 6.98 40.97
C MET C 165 22.61 7.77 41.47
N ARG C 166 21.45 7.11 41.42
CA ARG C 166 20.14 7.77 41.53
C ARG C 166 19.90 8.55 42.83
N SER C 167 20.11 7.90 43.97
CA SER C 167 19.82 8.51 45.28
C SER C 167 20.80 9.64 45.61
N MET C 168 21.91 9.67 44.88
CA MET C 168 22.96 10.65 45.06
C MET C 168 22.87 11.76 44.00
N ASP C 169 22.01 11.55 43.00
CA ASP C 169 21.90 12.40 41.81
C ASP C 169 23.28 12.69 41.22
N PHE C 170 24.06 11.62 41.03
CA PHE C 170 25.43 11.73 40.55
C PHE C 170 25.63 10.95 39.27
N LYS C 171 26.16 11.63 38.26
CA LYS C 171 26.43 11.05 36.95
C LYS C 171 27.93 11.04 36.69
N SER C 172 28.42 9.96 36.10
CA SER C 172 29.85 9.87 35.74
C SER C 172 30.07 9.04 34.49
N ASN C 173 31.11 9.40 33.74
CA ASN C 173 31.54 8.66 32.56
C ASN C 173 32.67 7.71 32.92
N SER C 174 32.75 6.59 32.21
CA SER C 174 33.84 5.64 32.41
C SER C 174 34.12 4.79 31.18
N ALA C 175 35.39 4.48 30.98
CA ALA C 175 35.84 3.56 29.95
C ALA C 175 36.83 2.56 30.54
N VAL C 176 36.75 1.30 30.10
CA VAL C 176 37.57 0.23 30.67
C VAL C 176 38.60 -0.25 29.64
N ALA C 177 39.84 -0.41 30.11
CA ALA C 177 40.91 -0.91 29.26
C ALA C 177 41.68 -2.04 29.94
N TRP C 178 42.05 -3.05 29.17
CA TRP C 178 42.89 -4.15 29.67
C TRP C 178 43.76 -4.74 28.57
N SER C 179 44.84 -5.41 28.96
CA SER C 179 45.75 -6.03 28.00
C SER C 179 46.26 -7.37 28.52
N ASN C 180 46.44 -8.30 27.59
CA ASN C 180 46.92 -9.65 27.92
C ASN C 180 48.39 -9.68 28.31
N LYS C 181 49.10 -8.58 28.05
CA LYS C 181 50.54 -8.47 28.32
C LYS C 181 50.84 -8.44 29.81
N ASP C 183 54.42 -5.22 29.74
CA ASP C 183 54.84 -3.82 29.77
C ASP C 183 53.64 -2.86 29.89
N PHE C 184 52.43 -3.42 29.82
CA PHE C 184 51.19 -2.65 29.91
C PHE C 184 51.00 -2.04 31.30
N ALA C 185 50.63 -0.76 31.33
CA ALA C 185 50.38 -0.03 32.56
C ALA C 185 49.25 0.98 32.36
N CYS C 186 48.41 1.13 33.38
CA CYS C 186 47.25 2.02 33.34
C CYS C 186 47.58 3.46 32.96
N ALA C 187 48.73 3.95 33.44
CA ALA C 187 49.15 5.33 33.19
C ALA C 187 49.35 5.67 31.71
N ASN C 188 49.59 4.66 30.88
CA ASN C 188 49.69 4.85 29.43
C ASN C 188 48.74 3.96 28.61
N ALA C 189 47.68 3.48 29.27
CA ALA C 189 46.68 2.61 28.63
C ALA C 189 45.81 3.36 27.62
N PHE C 190 45.51 4.61 27.94
CA PHE C 190 44.68 5.46 27.09
C PHE C 190 45.54 6.44 26.29
N ASN C 191 46.74 6.00 25.92
CA ASN C 191 47.70 6.83 25.20
C ASN C 191 47.27 7.25 23.79
N ASN C 192 46.25 6.56 23.26
CA ASN C 192 45.69 6.87 21.94
CA ASN C 192 45.71 6.89 21.94
C ASN C 192 44.61 7.95 22.03
N SER C 193 44.10 8.18 23.25
CA SER C 193 43.11 9.22 23.51
C SER C 193 43.78 10.50 24.03
N ILE C 194 43.05 11.61 24.00
CA ILE C 194 43.53 12.85 24.61
C ILE C 194 42.98 13.00 26.03
N ILE C 195 43.88 13.10 26.99
CA ILE C 195 43.55 13.16 28.42
C ILE C 195 43.58 14.60 28.93
N PRO C 196 42.71 14.91 29.91
CA PRO C 196 42.79 16.20 30.62
C PRO C 196 44.12 16.36 31.37
N GLU C 197 44.56 17.60 31.52
CA GLU C 197 45.83 17.92 32.18
C GLU C 197 45.87 17.46 33.63
N ASP C 198 44.72 17.57 34.32
CA ASP C 198 44.63 17.26 35.74
C ASP C 198 44.07 15.85 36.02
N THR C 199 44.37 14.90 35.13
CA THR C 199 43.97 13.51 35.31
C THR C 199 44.81 12.85 36.40
N PHE C 200 44.14 12.21 37.35
CA PHE C 200 44.81 11.57 38.48
C PHE C 200 45.27 10.17 38.12
N PHE C 201 46.59 9.97 38.12
CA PHE C 201 47.19 8.66 37.87
C PHE C 201 47.89 8.16 39.12
N PRO C 202 47.17 7.39 39.96
CA PRO C 202 47.75 6.86 41.20
C PRO C 202 48.87 5.88 40.90
N SER C 203 49.91 5.89 41.73
CA SER C 203 51.02 4.96 41.58
C SER C 203 50.66 3.57 42.09
N PRO C 204 50.86 2.53 41.25
CA PRO C 204 50.55 1.14 41.58
C PRO C 204 51.41 0.59 42.72
N ALA D 3 -0.36 -5.70 24.49
CA ALA D 3 0.85 -6.55 24.69
C ALA D 3 0.99 -7.62 23.60
N VAL D 4 2.19 -7.76 23.08
CA VAL D 4 2.49 -8.79 22.06
C VAL D 4 3.75 -9.55 22.50
N THR D 5 3.63 -10.88 22.53
CA THR D 5 4.71 -11.74 23.00
C THR D 5 5.39 -12.47 21.84
N GLN D 6 6.71 -12.62 21.93
CA GLN D 6 7.48 -13.40 20.96
C GLN D 6 8.34 -14.44 21.69
N SER D 7 8.48 -15.62 21.07
CA SER D 7 9.42 -16.63 21.56
C SER D 7 10.06 -17.38 20.38
N PRO D 8 11.39 -17.64 20.46
CA PRO D 8 12.27 -17.23 21.55
C PRO D 8 12.67 -15.76 21.44
N ARG D 9 13.45 -15.28 22.40
CA ARG D 9 13.95 -13.91 22.37
C ARG D 9 15.34 -13.88 21.74
N ASN D 10 16.06 -14.99 21.89
CA ASN D 10 17.39 -15.17 21.28
C ASN D 10 17.53 -16.59 20.73
N LYS D 11 18.09 -16.71 19.52
CA LYS D 11 18.29 -18.03 18.91
C LYS D 11 19.56 -18.08 18.06
N VAL D 12 20.38 -19.10 18.32
CA VAL D 12 21.57 -19.37 17.51
C VAL D 12 21.30 -20.63 16.69
N ALA D 13 21.46 -20.49 15.37
CA ALA D 13 21.12 -21.56 14.44
C ALA D 13 22.24 -21.86 13.44
N VAL D 14 22.16 -23.02 12.80
CA VAL D 14 23.13 -23.45 11.79
C VAL D 14 22.56 -23.24 10.39
N THR D 15 23.45 -23.04 9.42
CA THR D 15 23.07 -22.97 8.01
C THR D 15 22.46 -24.31 7.60
N GLY D 16 21.25 -24.24 7.04
CA GLY D 16 20.53 -25.44 6.59
C GLY D 16 19.67 -26.06 7.66
N GLY D 17 19.55 -25.39 8.81
CA GLY D 17 18.69 -25.84 9.90
C GLY D 17 17.30 -25.23 9.84
N LYS D 18 16.40 -25.72 10.68
CA LYS D 18 15.03 -25.20 10.74
C LYS D 18 14.85 -24.29 11.95
N VAL D 19 14.20 -23.15 11.71
CA VAL D 19 13.94 -22.16 12.74
C VAL D 19 12.46 -21.72 12.68
N THR D 20 11.80 -21.76 13.83
CA THR D 20 10.42 -21.30 13.93
C THR D 20 10.29 -20.24 15.02
N LEU D 21 9.97 -19.02 14.60
CA LEU D 21 9.73 -17.92 15.54
C LEU D 21 8.25 -17.77 15.81
N SER D 22 7.89 -17.68 17.08
CA SER D 22 6.49 -17.59 17.49
C SER D 22 6.09 -16.16 17.81
N CYS D 23 4.79 -15.90 17.72
CA CYS D 23 4.22 -14.60 18.07
C CYS D 23 2.80 -14.77 18.59
N ASN D 24 2.57 -14.32 19.83
CA ASN D 24 1.28 -14.43 20.48
C ASN D 24 0.71 -13.07 20.86
N GLN D 25 -0.57 -12.84 20.55
CA GLN D 25 -1.27 -11.62 20.97
C GLN D 25 -2.68 -11.92 21.47
N THR D 26 -3.02 -11.35 22.62
CA THR D 26 -4.36 -11.48 23.20
C THR D 26 -5.20 -10.22 22.98
N ASN D 27 -4.74 -9.38 22.06
CA ASN D 27 -5.45 -8.14 21.73
C ASN D 27 -6.70 -8.38 20.88
N ASN D 28 -6.82 -9.59 20.35
CA ASN D 28 -7.93 -10.00 19.47
C ASN D 28 -7.93 -9.26 18.13
N HIS D 29 -6.73 -8.96 17.62
CA HIS D 29 -6.58 -8.31 16.33
C HIS D 29 -6.64 -9.33 15.20
N ASN D 30 -7.19 -8.92 14.06
CA ASN D 30 -7.24 -9.77 12.88
C ASN D 30 -5.91 -9.77 12.13
N ASN D 31 -5.34 -8.58 11.93
CA ASN D 31 -4.10 -8.42 11.16
C ASN D 31 -2.86 -8.68 11.99
N MET D 32 -1.96 -9.49 11.44
CA MET D 32 -0.67 -9.77 12.08
C MET D 32 0.48 -9.66 11.08
N TYR D 33 1.63 -9.17 11.54
CA TYR D 33 2.74 -8.81 10.68
C TYR D 33 4.06 -9.39 11.19
N TRP D 34 4.99 -9.64 10.27
CA TRP D 34 6.33 -10.10 10.60
C TRP D 34 7.38 -9.24 9.89
N TYR D 35 8.16 -8.50 10.67
CA TYR D 35 9.21 -7.63 10.13
C TYR D 35 10.59 -8.11 10.57
N ARG D 36 11.63 -7.63 9.88
CA ARG D 36 13.01 -7.76 10.34
C ARG D 36 13.73 -6.42 10.29
N GLN D 37 14.64 -6.21 11.23
CA GLN D 37 15.39 -4.95 11.34
C GLN D 37 16.89 -5.12 11.13
N ASP D 38 17.42 -4.40 10.14
CA ASP D 38 18.84 -4.43 9.80
C ASP D 38 19.39 -3.01 9.68
N THR D 39 20.61 -2.79 10.13
CA THR D 39 21.20 -1.45 10.16
C THR D 39 21.18 -0.75 8.80
N GLY D 40 20.78 0.52 8.80
CA GLY D 40 20.71 1.32 7.59
C GLY D 40 19.54 0.98 6.69
N HIS D 41 18.45 0.49 7.27
CA HIS D 41 17.27 0.15 6.49
C HIS D 41 15.94 0.68 7.01
N GLY D 42 15.54 0.24 8.19
CA GLY D 42 14.18 0.45 8.67
C GLY D 42 13.38 -0.81 8.42
N LEU D 43 12.49 -1.13 9.35
CA LEU D 43 11.69 -2.37 9.31
C LEU D 43 11.17 -2.70 7.91
N ARG D 44 11.31 -3.97 7.52
CA ARG D 44 10.83 -4.46 6.23
C ARG D 44 9.94 -5.67 6.39
N LEU D 45 8.82 -5.67 5.66
CA LEU D 45 7.78 -6.69 5.82
C LEU D 45 8.12 -8.01 5.15
N ILE D 46 8.08 -9.08 5.95
CA ILE D 46 8.35 -10.43 5.45
C ILE D 46 7.05 -11.13 5.05
N HIS D 47 6.13 -11.24 6.01
CA HIS D 47 4.84 -11.89 5.80
C HIS D 47 3.78 -11.22 6.68
N TYR D 48 2.54 -11.19 6.19
CA TYR D 48 1.43 -10.68 6.97
C TYR D 48 0.18 -11.55 6.83
N SER D 49 -0.78 -11.37 7.75
CA SER D 49 -1.97 -12.20 7.82
C SER D 49 -3.21 -11.37 8.09
N TYR D 50 -4.33 -11.73 7.46
CA TYR D 50 -5.60 -11.04 7.67
C TYR D 50 -6.55 -11.79 8.61
N GLY D 51 -6.06 -12.88 9.20
CA GLY D 51 -6.86 -13.68 10.12
C GLY D 51 -6.54 -15.17 10.07
N ALA D 52 -7.22 -15.94 10.91
CA ALA D 52 -6.99 -17.39 11.01
C ALA D 52 -7.17 -18.10 9.67
N GLY D 53 -6.07 -18.62 9.13
CA GLY D 53 -6.05 -19.29 7.84
C GLY D 53 -5.34 -18.49 6.76
N SER D 54 -5.22 -17.18 6.95
CA SER D 54 -4.61 -16.29 5.96
C SER D 54 -3.11 -16.11 6.18
N THR D 55 -2.38 -16.06 5.07
CA THR D 55 -0.94 -15.78 5.05
C THR D 55 -0.55 -15.19 3.70
N GLU D 56 0.07 -14.01 3.72
CA GLU D 56 0.40 -13.30 2.49
C GLU D 56 1.85 -12.82 2.46
N LYS D 57 2.42 -12.80 1.25
CA LYS D 57 3.79 -12.34 1.05
C LYS D 57 3.90 -10.83 1.20
N GLY D 58 4.95 -10.39 1.89
CA GLY D 58 5.25 -8.97 2.01
C GLY D 58 6.23 -8.53 0.95
N ASP D 59 7.10 -7.58 1.30
CA ASP D 59 8.11 -7.07 0.38
C ASP D 59 9.32 -8.01 0.24
N ILE D 60 9.66 -8.73 1.30
CA ILE D 60 10.80 -9.66 1.27
C ILE D 60 10.44 -11.05 1.83
N PRO D 61 9.67 -11.85 1.07
CA PRO D 61 9.25 -13.15 1.58
C PRO D 61 10.23 -14.32 1.33
N ASP D 62 11.19 -14.11 0.41
CA ASP D 62 12.12 -15.18 0.00
C ASP D 62 12.94 -15.77 1.15
N GLY D 63 12.85 -17.09 1.29
CA GLY D 63 13.55 -17.82 2.35
C GLY D 63 12.71 -17.98 3.61
N TYR D 64 11.53 -17.35 3.62
CA TYR D 64 10.65 -17.38 4.78
C TYR D 64 9.27 -17.94 4.42
N LYS D 65 8.72 -18.76 5.33
CA LYS D 65 7.32 -19.17 5.27
C LYS D 65 6.59 -18.63 6.49
N ALA D 66 5.27 -18.53 6.39
CA ALA D 66 4.44 -18.06 7.50
C ALA D 66 3.23 -18.94 7.70
N SER D 67 2.70 -18.96 8.93
CA SER D 67 1.56 -19.80 9.28
C SER D 67 0.69 -19.15 10.36
N ARG D 68 -0.61 -19.11 10.11
CA ARG D 68 -1.58 -18.56 11.05
C ARG D 68 -2.64 -19.61 11.40
N PRO D 69 -2.35 -20.47 12.39
CA PRO D 69 -3.28 -21.52 12.79
C PRO D 69 -4.50 -20.99 13.53
N SER D 70 -4.33 -19.87 14.22
CA SER D 70 -5.38 -19.25 15.03
C SER D 70 -5.25 -17.74 15.05
N GLN D 71 -6.25 -17.07 15.62
CA GLN D 71 -6.26 -15.61 15.77
C GLN D 71 -5.10 -15.13 16.63
N GLU D 72 -4.75 -15.93 17.64
CA GLU D 72 -3.73 -15.56 18.62
C GLU D 72 -2.29 -15.75 18.12
N ASN D 73 -2.06 -16.81 17.34
CA ASN D 73 -0.70 -17.17 16.93
C ASN D 73 -0.37 -16.96 15.44
N PHE D 74 0.77 -16.33 15.21
CA PHE D 74 1.34 -16.17 13.87
C PHE D 74 2.82 -16.56 13.90
N SER D 75 3.22 -17.46 13.02
CA SER D 75 4.56 -18.03 13.05
C SER D 75 5.38 -17.79 11.79
N LEU D 76 6.67 -17.53 11.97
CA LEU D 76 7.60 -17.37 10.87
C LEU D 76 8.53 -18.58 10.82
N ILE D 77 8.51 -19.28 9.69
CA ILE D 77 9.25 -20.53 9.54
C ILE D 77 10.39 -20.39 8.54
N LEU D 78 11.58 -20.77 8.97
CA LEU D 78 12.76 -20.79 8.14
C LEU D 78 13.16 -22.25 7.89
N GLU D 79 12.84 -22.76 6.71
CA GLU D 79 13.10 -24.18 6.38
C GLU D 79 14.58 -24.48 6.30
N LEU D 80 15.29 -23.72 5.48
CA LEU D 80 16.74 -23.88 5.32
C LEU D 80 17.42 -22.55 5.60
N ALA D 81 17.79 -22.35 6.87
CA ALA D 81 18.35 -21.09 7.33
C ALA D 81 19.64 -20.72 6.60
N THR D 82 19.80 -19.43 6.30
CA THR D 82 21.01 -18.90 5.66
C THR D 82 21.60 -17.80 6.54
N PRO D 83 22.93 -17.55 6.41
CA PRO D 83 23.59 -16.51 7.21
C PRO D 83 23.00 -15.10 7.02
N SER D 84 22.45 -14.83 5.83
CA SER D 84 21.82 -13.55 5.55
C SER D 84 20.55 -13.32 6.38
N GLN D 85 19.98 -14.40 6.91
CA GLN D 85 18.78 -14.32 7.75
C GLN D 85 19.11 -14.02 9.21
N THR D 86 20.36 -13.61 9.46
CA THR D 86 20.77 -13.09 10.75
C THR D 86 20.23 -11.67 10.83
N SER D 87 19.35 -11.43 11.79
CA SER D 87 18.68 -10.14 11.96
C SER D 87 17.95 -10.11 13.30
N VAL D 88 17.26 -9.01 13.56
CA VAL D 88 16.34 -8.93 14.69
C VAL D 88 14.93 -8.94 14.10
N TYR D 89 14.08 -9.85 14.59
CA TYR D 89 12.75 -10.02 14.04
C TYR D 89 11.67 -9.43 14.94
N PHE D 90 10.78 -8.63 14.35
CA PHE D 90 9.69 -8.01 15.09
C PHE D 90 8.35 -8.48 14.57
N CYS D 91 7.45 -8.80 15.50
CA CYS D 91 6.09 -9.16 15.16
C CYS D 91 5.12 -8.04 15.55
N ALA D 92 4.04 -7.89 14.79
CA ALA D 92 3.06 -6.83 15.05
C ALA D 92 1.62 -7.27 14.82
N SER D 93 0.68 -6.57 15.46
CA SER D 93 -0.75 -6.83 15.31
C SER D 93 -1.55 -5.53 15.30
N GLY D 94 -2.65 -5.52 14.55
CA GLY D 94 -3.48 -4.32 14.41
C GLY D 94 -4.91 -4.60 14.02
N ASP D 95 -5.80 -3.67 14.38
CA ASP D 95 -7.22 -3.80 14.07
C ASP D 95 -7.59 -3.03 12.80
N GLU D 102 -3.56 1.26 13.55
CA GLU D 102 -2.43 1.27 14.48
C GLU D 102 -1.93 -0.15 14.73
N GLN D 103 -0.62 -0.33 14.55
CA GLN D 103 0.02 -1.62 14.81
C GLN D 103 0.74 -1.62 16.16
N PHE D 104 0.70 -2.76 16.84
CA PHE D 104 1.35 -2.92 18.13
C PHE D 104 2.47 -3.95 18.02
N PHE D 105 3.69 -3.51 18.33
CA PHE D 105 4.90 -4.29 18.07
C PHE D 105 5.38 -5.08 19.28
N GLY D 106 5.92 -6.26 19.00
CA GLY D 106 6.49 -7.14 20.03
C GLY D 106 7.90 -6.71 20.40
N PRO D 107 8.50 -7.41 21.38
CA PRO D 107 9.80 -7.00 21.93
C PRO D 107 10.99 -7.40 21.06
N GLY D 108 10.76 -8.27 20.09
CA GLY D 108 11.79 -8.66 19.14
C GLY D 108 12.50 -9.95 19.47
N THR D 109 13.03 -10.58 18.42
CA THR D 109 13.81 -11.81 18.54
C THR D 109 15.16 -11.63 17.85
N ARG D 110 16.24 -11.85 18.59
CA ARG D 110 17.58 -11.82 18.02
C ARG D 110 17.96 -13.20 17.49
N LEU D 111 18.16 -13.28 16.18
CA LEU D 111 18.55 -14.52 15.54
C LEU D 111 19.93 -14.43 14.90
N THR D 112 20.78 -15.40 15.20
CA THR D 112 22.08 -15.54 14.54
C THR D 112 22.16 -16.89 13.85
N VAL D 113 22.30 -16.85 12.52
CA VAL D 113 22.53 -18.05 11.73
C VAL D 113 24.01 -18.12 11.35
N LEU D 114 24.66 -19.22 11.73
CA LEU D 114 26.08 -19.40 11.51
C LEU D 114 26.38 -20.48 10.48
N GLU D 115 27.59 -20.46 9.94
CA GLU D 115 28.04 -21.48 8.98
C GLU D 115 28.45 -22.76 9.72
N ASP D 116 29.05 -22.61 10.89
CA ASP D 116 29.47 -23.74 11.71
C ASP D 116 29.38 -23.44 13.21
N LEU D 117 28.91 -24.43 13.97
CA LEU D 117 28.78 -24.29 15.42
C LEU D 117 30.09 -24.55 16.17
N LYS D 118 31.12 -24.97 15.44
CA LYS D 118 32.43 -25.28 16.05
C LYS D 118 33.19 -24.05 16.54
N ASN D 119 32.62 -22.87 16.32
CA ASN D 119 33.20 -21.60 16.77
C ASN D 119 32.46 -20.97 17.95
N VAL D 120 31.45 -21.68 18.46
CA VAL D 120 30.59 -21.16 19.53
C VAL D 120 31.24 -21.38 20.92
N PHE D 121 31.49 -20.28 21.62
CA PHE D 121 32.09 -20.32 22.95
C PHE D 121 31.25 -19.55 23.98
N PRO D 122 31.11 -20.12 25.20
CA PRO D 122 30.54 -19.35 26.30
C PRO D 122 31.56 -18.36 26.86
N PRO D 123 31.10 -17.30 27.54
CA PRO D 123 32.03 -16.31 28.07
C PRO D 123 32.70 -16.74 29.38
N GLU D 124 33.92 -16.27 29.61
CA GLU D 124 34.55 -16.34 30.92
C GLU D 124 34.25 -15.02 31.62
N VAL D 125 33.87 -15.09 32.89
CA VAL D 125 33.44 -13.90 33.63
C VAL D 125 34.36 -13.62 34.81
N ALA D 126 34.75 -12.35 34.95
CA ALA D 126 35.62 -11.92 36.04
C ALA D 126 35.15 -10.60 36.63
N VAL D 127 35.20 -10.49 37.96
CA VAL D 127 34.86 -9.25 38.65
C VAL D 127 36.13 -8.60 39.18
N PHE D 128 36.23 -7.29 38.96
CA PHE D 128 37.40 -6.53 39.40
C PHE D 128 37.04 -5.56 40.52
N GLU D 129 37.72 -5.73 41.65
CA GLU D 129 37.42 -4.99 42.88
C GLU D 129 37.93 -3.55 42.82
N PRO D 130 37.25 -2.61 43.52
CA PRO D 130 37.62 -1.20 43.52
C PRO D 130 39.03 -0.93 44.04
N SER D 131 39.67 0.11 43.51
CA SER D 131 40.98 0.53 43.98
C SER D 131 40.85 1.33 45.27
N GLU D 132 41.89 1.25 46.10
CA GLU D 132 41.95 2.03 47.32
C GLU D 132 42.07 3.52 47.00
N ALA D 133 42.75 3.82 45.90
CA ALA D 133 42.93 5.19 45.43
C ALA D 133 41.61 5.88 45.09
N GLU D 134 40.68 5.14 44.49
CA GLU D 134 39.35 5.69 44.18
C GLU D 134 38.55 5.89 45.45
N ILE D 135 38.56 4.89 46.33
CA ILE D 135 37.85 4.95 47.60
C ILE D 135 38.28 6.16 48.44
N SER D 136 39.59 6.37 48.55
CA SER D 136 40.11 7.50 49.31
C SER D 136 39.75 8.84 48.67
N HIS D 137 39.84 8.90 47.34
CA HIS D 137 39.73 10.17 46.62
C HIS D 137 38.30 10.63 46.37
N THR D 138 37.41 9.68 46.13
CA THR D 138 36.03 10.00 45.72
C THR D 138 34.98 9.56 46.73
N GLN D 139 35.40 8.74 47.70
CA GLN D 139 34.48 8.10 48.66
C GLN D 139 33.40 7.29 47.93
N LYS D 140 33.74 6.84 46.72
CA LYS D 140 32.90 5.95 45.94
C LYS D 140 33.74 4.74 45.51
N ALA D 141 33.06 3.66 45.15
CA ALA D 141 33.74 2.41 44.78
C ALA D 141 33.12 1.79 43.53
N THR D 142 33.93 1.65 42.49
CA THR D 142 33.47 1.09 41.22
C THR D 142 33.94 -0.35 41.03
N LEU D 143 32.99 -1.25 40.80
CA LEU D 143 33.29 -2.62 40.41
C LEU D 143 33.17 -2.74 38.90
N VAL D 144 34.11 -3.46 38.29
CA VAL D 144 34.10 -3.68 36.85
C VAL D 144 33.92 -5.17 36.59
N CYS D 145 32.93 -5.50 35.76
CA CYS D 145 32.74 -6.88 35.33
C CYS D 145 33.18 -7.06 33.89
N LEU D 146 33.97 -8.10 33.65
CA LEU D 146 34.48 -8.39 32.33
C LEU D 146 33.98 -9.75 31.83
N ALA D 147 33.26 -9.73 30.71
CA ALA D 147 32.82 -10.96 30.04
C ALA D 147 33.64 -11.14 28.75
N THR D 148 34.39 -12.23 28.67
CA THR D 148 35.40 -12.41 27.63
C THR D 148 35.31 -13.72 26.85
N GLY D 149 35.66 -13.65 25.57
CA GLY D 149 35.81 -14.83 24.71
C GLY D 149 34.54 -15.59 24.40
N PHE D 150 33.50 -14.88 24.01
CA PHE D 150 32.23 -15.50 23.66
C PHE D 150 31.86 -15.30 22.19
N TYR D 151 31.15 -16.27 21.64
CA TYR D 151 30.68 -16.24 20.26
C TYR D 151 29.41 -17.05 20.14
N PRO D 152 28.34 -16.47 19.54
CA PRO D 152 28.28 -15.11 18.99
C PRO D 152 27.97 -14.08 20.08
N ASP D 153 27.76 -12.82 19.69
CA ASP D 153 27.47 -11.77 20.66
C ASP D 153 26.03 -11.78 21.15
N HIS D 154 25.71 -12.82 21.93
CA HIS D 154 24.39 -13.01 22.50
C HIS D 154 24.47 -13.10 24.03
N VAL D 155 24.76 -11.98 24.67
CA VAL D 155 24.85 -11.93 26.13
C VAL D 155 24.00 -10.84 26.77
N GLU D 156 23.41 -11.17 27.92
CA GLU D 156 22.66 -10.22 28.74
C GLU D 156 23.29 -10.16 30.14
N LEU D 157 23.91 -9.02 30.45
CA LEU D 157 24.66 -8.85 31.70
C LEU D 157 23.82 -8.15 32.76
N SER D 158 23.94 -8.60 34.01
CA SER D 158 23.20 -8.00 35.12
C SER D 158 23.95 -8.09 36.46
N TRP D 159 23.80 -7.06 37.28
CA TRP D 159 24.42 -6.99 38.60
C TRP D 159 23.45 -7.38 39.71
N TRP D 160 23.92 -8.19 40.65
CA TRP D 160 23.11 -8.66 41.76
C TRP D 160 23.79 -8.35 43.09
N VAL D 161 23.14 -7.50 43.89
CA VAL D 161 23.65 -7.16 45.21
C VAL D 161 22.79 -7.79 46.30
N ASN D 162 23.43 -8.66 47.11
CA ASN D 162 22.78 -9.39 48.20
C ASN D 162 21.59 -10.28 47.80
N GLY D 163 21.53 -10.64 46.52
CA GLY D 163 20.48 -11.53 46.02
C GLY D 163 19.40 -10.85 45.19
N LYS D 164 19.42 -9.52 45.15
CA LYS D 164 18.49 -8.73 44.34
C LYS D 164 19.22 -7.97 43.24
N GLU D 165 18.61 -7.96 42.05
CA GLU D 165 19.19 -7.30 40.88
C GLU D 165 19.06 -5.77 41.01
N VAL D 166 20.18 -5.07 40.79
CA VAL D 166 20.22 -3.61 40.88
C VAL D 166 20.32 -2.97 39.49
N HIS D 167 19.82 -1.75 39.38
CA HIS D 167 19.94 -0.96 38.14
C HIS D 167 20.66 0.36 38.40
N SER D 168 20.49 0.89 39.62
CA SER D 168 21.13 2.13 40.03
C SER D 168 22.64 1.98 40.06
N GLY D 169 23.34 2.93 39.43
CA GLY D 169 24.80 2.94 39.41
C GLY D 169 25.42 1.94 38.46
N VAL D 170 24.62 1.42 37.53
CA VAL D 170 25.10 0.46 36.54
C VAL D 170 25.20 1.08 35.15
N CYS D 171 26.32 0.84 34.49
CA CYS D 171 26.44 1.09 33.06
C CYS D 171 27.09 -0.12 32.40
N THR D 172 26.40 -0.67 31.39
CA THR D 172 26.93 -1.76 30.61
C THR D 172 27.22 -1.24 29.22
N ASP D 173 28.31 -1.69 28.62
CA ASP D 173 28.62 -1.35 27.22
C ASP D 173 27.47 -1.75 26.32
N PRO D 174 26.97 -0.79 25.50
CA PRO D 174 25.93 -1.14 24.54
C PRO D 174 26.44 -2.12 23.48
N GLN D 175 27.69 -1.95 23.06
CA GLN D 175 28.30 -2.81 22.04
C GLN D 175 29.49 -3.58 22.61
N PRO D 176 29.65 -4.85 22.18
CA PRO D 176 30.87 -5.58 22.54
C PRO D 176 32.00 -5.25 21.57
N LEU D 177 33.24 -5.56 21.95
CA LEU D 177 34.35 -5.36 21.02
C LEU D 177 34.94 -6.69 20.57
N LYS D 178 35.43 -6.71 19.33
CA LYS D 178 36.07 -7.89 18.77
C LYS D 178 37.48 -8.05 19.32
N GLU D 179 37.74 -9.19 19.96
CA GLU D 179 39.05 -9.50 20.52
C GLU D 179 40.13 -9.61 19.44
N GLN D 180 39.72 -10.01 18.24
CA GLN D 180 40.56 -9.95 17.06
C GLN D 180 39.76 -9.32 15.91
N PRO D 181 39.83 -7.99 15.77
CA PRO D 181 39.04 -7.22 14.81
C PRO D 181 39.29 -7.55 13.33
N ALA D 182 40.43 -8.18 13.05
CA ALA D 182 40.79 -8.55 11.68
C ALA D 182 40.17 -9.89 11.24
N LEU D 183 39.50 -10.58 12.17
CA LEU D 183 38.89 -11.88 11.88
C LEU D 183 37.37 -11.80 11.74
N ASN D 184 36.83 -12.56 10.78
CA ASN D 184 35.39 -12.60 10.51
C ASN D 184 34.58 -13.26 11.62
N ASP D 185 35.14 -14.28 12.26
CA ASP D 185 34.48 -14.98 13.36
C ASP D 185 35.23 -14.81 14.69
N SER D 186 35.59 -13.58 15.00
CA SER D 186 36.26 -13.24 16.25
C SER D 186 35.34 -13.42 17.45
N ARG D 187 35.93 -13.84 18.57
CA ARG D 187 35.21 -13.89 19.83
C ARG D 187 35.04 -12.46 20.37
N TYR D 188 34.08 -12.29 21.27
CA TYR D 188 33.72 -10.96 21.74
C TYR D 188 34.06 -10.73 23.20
N ALA D 189 34.04 -9.45 23.60
CA ALA D 189 34.26 -9.05 24.98
C ALA D 189 33.28 -7.95 25.36
N LEU D 190 32.69 -8.07 26.55
CA LEU D 190 31.77 -7.08 27.07
C LEU D 190 32.15 -6.68 28.49
N SER D 191 32.09 -5.38 28.78
CA SER D 191 32.36 -4.88 30.12
C SER D 191 31.16 -4.12 30.70
N SER D 192 31.09 -4.08 32.03
CA SER D 192 30.02 -3.40 32.74
C SER D 192 30.52 -2.89 34.09
N ARG D 193 29.80 -1.90 34.62
CA ARG D 193 30.21 -1.22 35.85
C ARG D 193 29.10 -1.11 36.86
N LEU D 194 29.43 -1.32 38.14
CA LEU D 194 28.55 -1.03 39.26
C LEU D 194 29.28 -0.14 40.26
N ARG D 195 28.77 1.07 40.45
CA ARG D 195 29.38 2.02 41.38
C ARG D 195 28.52 2.20 42.62
N VAL D 196 29.14 2.00 43.78
CA VAL D 196 28.48 2.18 45.08
C VAL D 196 29.25 3.21 45.91
N SER D 197 28.69 3.58 47.06
CA SER D 197 29.41 4.40 48.01
C SER D 197 30.50 3.58 48.70
N ALA D 198 31.58 4.24 49.11
CA ALA D 198 32.70 3.58 49.77
C ALA D 198 32.29 2.76 50.99
N THR D 199 31.41 3.33 51.81
CA THR D 199 30.93 2.66 53.04
C THR D 199 30.15 1.37 52.72
N PHE D 200 29.39 1.39 51.64
CA PHE D 200 28.68 0.21 51.16
C PHE D 200 29.64 -0.90 50.77
N TRP D 201 30.70 -0.56 50.06
CA TRP D 201 31.74 -1.52 49.70
C TRP D 201 32.52 -2.03 50.91
N GLN D 202 32.76 -1.14 51.87
CA GLN D 202 33.56 -1.46 53.07
C GLN D 202 32.84 -2.38 54.05
N ASN D 203 31.61 -2.78 53.71
CA ASN D 203 30.82 -3.68 54.53
C ASN D 203 30.99 -5.14 54.05
N PRO D 204 31.66 -5.97 54.87
CA PRO D 204 31.95 -7.37 54.51
C PRO D 204 30.70 -8.25 54.37
N ARG D 205 29.59 -7.80 54.92
CA ARG D 205 28.31 -8.51 54.81
C ARG D 205 27.68 -8.36 53.41
N ASN D 206 28.15 -7.37 52.66
CA ASN D 206 27.63 -7.09 51.31
C ASN D 206 28.24 -7.97 50.22
N HIS D 207 27.35 -8.63 49.48
CA HIS D 207 27.74 -9.57 48.42
C HIS D 207 27.39 -9.02 47.04
N PHE D 208 28.36 -9.07 46.14
CA PHE D 208 28.19 -8.54 44.78
C PHE D 208 28.39 -9.65 43.75
N ARG D 209 27.48 -9.74 42.79
CA ARG D 209 27.53 -10.77 41.77
C ARG D 209 27.25 -10.21 40.37
N CYS D 210 28.09 -10.62 39.42
CA CYS D 210 27.91 -10.25 38.02
C CYS D 210 27.38 -11.47 37.26
N GLN D 211 26.19 -11.34 36.70
CA GLN D 211 25.53 -12.45 36.02
C GLN D 211 25.49 -12.23 34.51
N VAL D 212 26.00 -13.21 33.76
CA VAL D 212 25.98 -13.15 32.30
C VAL D 212 25.22 -14.33 31.70
N GLN D 213 24.06 -14.02 31.12
CA GLN D 213 23.27 -15.00 30.39
C GLN D 213 23.83 -15.09 28.98
N PHE D 214 24.22 -16.30 28.58
CA PHE D 214 24.72 -16.56 27.24
C PHE D 214 23.73 -17.39 26.47
N TYR D 215 23.59 -17.11 25.18
CA TYR D 215 22.74 -17.90 24.29
C TYR D 215 23.58 -18.60 23.24
N GLY D 216 23.47 -19.92 23.20
CA GLY D 216 24.22 -20.74 22.25
C GLY D 216 23.41 -21.92 21.78
N LEU D 217 23.98 -23.10 21.91
CA LEU D 217 23.37 -24.35 21.44
C LEU D 217 22.19 -24.79 22.31
N SER D 218 21.29 -25.56 21.70
CA SER D 218 20.12 -26.11 22.39
C SER D 218 20.26 -27.63 22.58
N GLU D 219 19.32 -28.22 23.31
CA GLU D 219 19.37 -29.64 23.64
C GLU D 219 19.45 -30.58 22.43
N ASN D 220 18.78 -30.20 21.35
CA ASN D 220 18.73 -31.03 20.13
C ASN D 220 19.87 -30.78 19.14
N ASP D 221 20.73 -29.81 19.45
CA ASP D 221 21.90 -29.51 18.62
C ASP D 221 23.00 -30.54 18.83
N GLU D 222 23.56 -31.05 17.73
CA GLU D 222 24.59 -32.09 17.77
C GLU D 222 25.98 -31.52 18.07
N TRP D 223 26.68 -32.15 19.00
CA TRP D 223 28.02 -31.74 19.41
C TRP D 223 28.95 -32.95 19.53
N THR D 224 30.16 -32.81 18.99
CA THR D 224 31.11 -33.92 18.90
C THR D 224 32.49 -33.62 19.50
N GLN D 225 32.84 -32.34 19.56
CA GLN D 225 34.18 -31.91 19.95
C GLN D 225 34.56 -32.29 21.39
N ASP D 226 35.87 -32.40 21.64
CA ASP D 226 36.41 -32.86 22.92
C ASP D 226 36.04 -31.98 24.12
N ARG D 227 35.99 -30.66 23.90
CA ARG D 227 35.66 -29.73 24.98
C ARG D 227 34.16 -29.71 25.32
N ALA D 228 33.81 -29.03 26.39
CA ALA D 228 32.42 -28.97 26.88
C ALA D 228 31.47 -28.37 25.86
N LYS D 229 30.23 -28.86 25.85
CA LYS D 229 29.19 -28.40 24.94
C LYS D 229 28.78 -26.97 25.30
N PRO D 230 28.88 -26.04 24.32
CA PRO D 230 28.63 -24.62 24.56
C PRO D 230 27.16 -24.24 24.55
N VAL D 231 26.40 -24.79 25.49
CA VAL D 231 24.95 -24.58 25.59
C VAL D 231 24.58 -23.21 26.15
N THR D 232 23.29 -22.90 26.11
CA THR D 232 22.74 -21.71 26.75
C THR D 232 22.86 -21.87 28.26
N GLN D 233 23.58 -20.93 28.88
CA GLN D 233 23.97 -21.06 30.28
C GLN D 233 24.16 -19.71 30.95
N ILE D 234 24.15 -19.71 32.28
CA ILE D 234 24.50 -18.55 33.08
C ILE D 234 25.90 -18.73 33.66
N VAL D 235 26.76 -17.76 33.41
CA VAL D 235 28.12 -17.73 33.96
C VAL D 235 28.23 -16.51 34.88
N SER D 236 28.75 -16.72 36.09
CA SER D 236 28.82 -15.66 37.10
C SER D 236 30.17 -15.52 37.79
N ALA D 237 30.54 -14.27 38.06
CA ALA D 237 31.68 -13.97 38.93
C ALA D 237 31.19 -13.11 40.10
N GLU D 238 31.82 -13.28 41.26
CA GLU D 238 31.37 -12.62 42.48
C GLU D 238 32.51 -12.07 43.34
N ALA D 239 32.17 -11.09 44.18
CA ALA D 239 33.10 -10.46 45.11
C ALA D 239 32.41 -10.03 46.40
N TRP D 240 33.13 -10.15 47.51
CA TRP D 240 32.61 -9.75 48.81
C TRP D 240 33.21 -8.43 49.27
N GLY D 241 32.46 -7.72 50.12
CA GLY D 241 32.91 -6.45 50.70
C GLY D 241 34.13 -6.61 51.58
N ARG D 242 34.93 -5.54 51.68
CA ARG D 242 36.21 -5.58 52.38
C ARG D 242 36.42 -4.37 53.27
N ALA D 243 36.68 -4.63 54.55
CA ALA D 243 37.05 -3.58 55.51
C ALA D 243 38.52 -3.20 55.34
N ASP D 244 39.40 -4.18 55.58
CA ASP D 244 40.86 -4.04 55.46
C ASP D 244 41.46 -2.97 56.37
C1 NAG E . -3.29 -13.76 -14.94
C2 NAG E . -2.34 -14.82 -15.47
C3 NAG E . -1.47 -14.27 -16.59
C4 NAG E . -2.25 -13.46 -17.64
C5 NAG E . -3.36 -12.60 -17.01
C6 NAG E . -4.35 -12.05 -18.03
C7 NAG E . -1.85 -16.45 -13.69
C8 NAG E . -0.86 -16.87 -12.64
N2 NAG E . -1.51 -15.37 -14.41
O3 NAG E . -0.77 -15.33 -17.22
O4 NAG E . -1.31 -12.64 -18.34
O5 NAG E . -4.09 -13.32 -16.03
O6 NAG E . -5.38 -12.98 -18.26
O7 NAG E . -2.89 -17.09 -13.86
C1 NAG E . -1.26 -12.83 -19.79
C2 NAG E . -0.59 -14.14 -20.20
C3 NAG E . -0.61 -14.37 -21.72
C4 NAG E . -1.96 -14.01 -22.34
C5 NAG E . -2.44 -12.63 -21.85
C6 NAG E . -3.80 -12.26 -22.41
N2 NAG E . 0.78 -14.17 -19.71
O3 NAG E . -0.30 -15.71 -22.01
O4 NAG E . -1.84 -14.01 -23.75
O5 NAG E . -2.51 -12.66 -20.44
O6 NAG E . -4.32 -11.18 -21.68
C1 NAG F . -3.13 -0.87 -16.07
C2 NAG F . -2.21 -1.94 -16.69
C3 NAG F . -0.98 -2.23 -15.83
C4 NAG F . -0.31 -0.88 -15.57
C5 NAG F . -1.25 -0.04 -14.71
C6 NAG F . -0.65 1.31 -14.30
C7 NAG F . -3.02 -3.75 -18.15
C8 NAG F . -2.28 -3.14 -19.31
N2 NAG F . -2.96 -3.16 -16.95
O3 NAG F . -0.11 -3.11 -16.51
O4 NAG F . 1.07 -0.92 -15.19
O5 NAG F . -2.43 0.22 -15.43
O6 NAG F . -0.47 2.11 -15.45
O7 NAG F . -3.66 -4.78 -18.32
C1 NAG F . 1.48 -1.68 -14.03
C2 NAG F . 2.94 -2.05 -14.31
C3 NAG F . 3.71 -2.48 -13.06
C4 NAG F . 3.43 -1.59 -11.86
C5 NAG F . 1.92 -1.41 -11.68
C6 NAG F . 1.61 -0.45 -10.52
N2 NAG F . 3.03 -3.09 -15.31
O4 NAG F . 4.00 -2.17 -10.71
O5 NAG F . 1.34 -0.91 -12.86
O6 NAG F . 0.91 0.68 -10.97
C1 NAG G . -23.50 14.83 2.52
C2 NAG G . -23.15 15.37 3.90
C3 NAG G . -23.76 14.49 4.98
C4 NAG G . -25.26 14.49 4.72
C5 NAG G . -25.53 13.84 3.36
C6 NAG G . -27.01 13.73 3.01
C7 NAG G . -21.12 16.73 3.96
C8 NAG G . -19.64 16.77 4.20
N2 NAG G . -21.72 15.54 4.10
O3 NAG G . -23.46 15.00 6.27
O4 NAG G . -26.08 14.09 5.82
O5 NAG G . -24.90 14.63 2.37
O6 NAG G . -27.14 12.96 1.83
O7 NAG G . -21.71 17.76 3.64
C1 NAG G . -25.98 12.74 6.33
C2 NAG G . -26.15 12.87 7.85
C3 NAG G . -26.60 11.57 8.54
C4 NAG G . -27.68 10.83 7.76
C5 NAG G . -27.23 10.67 6.31
C6 NAG G . -28.28 9.95 5.48
N2 NAG G . -24.92 13.33 8.46
O3 NAG G . -27.08 11.87 9.83
O4 NAG G . -27.91 9.58 8.35
O5 NAG G . -26.98 11.94 5.73
O6 NAG G . -28.04 8.56 5.51
C1 PEG H . -22.29 15.97 -35.31
O1 PEG H . -21.88 17.20 -35.92
C2 PEG H . -23.62 16.17 -34.59
O2 PEG H . -23.52 15.69 -33.25
C3 PEG H . -23.91 16.69 -32.29
C4 PEG H . -23.17 16.47 -30.98
O4 PEG H . -21.92 17.19 -30.98
C1 NAG I . -26.74 27.19 -6.15
C2 NAG I . -26.76 28.72 -6.28
C3 NAG I . -25.52 29.37 -5.66
C4 NAG I . -25.11 28.75 -4.32
C5 NAG I . -25.12 27.23 -4.38
C6 NAG I . -24.80 26.62 -3.01
C7 NAG I . -27.56 30.14 -8.14
C8 NAG I . -27.55 30.33 -9.63
N2 NAG I . -26.87 29.08 -7.69
O3 NAG I . -25.76 30.75 -5.48
O4 NAG I . -23.84 29.23 -3.95
O5 NAG I . -26.38 26.76 -4.85
O6 NAG I . -25.49 25.40 -2.82
O7 NAG I . -28.17 30.92 -7.41
N2 FEE J . -9.28 6.75 -1.18
C3 FEE J . -8.80 4.42 -0.67
C4 FEE J . -10.23 3.98 -0.97
C5 FEE J . -10.52 3.76 -2.46
C6 FEE J . -11.79 2.93 -2.71
C7 FEE J . -13.06 3.78 -2.65
C8 FEE J . -13.97 3.56 -3.86
C9 FEE J . -14.68 2.22 -3.83
C1 FEE J . -7.00 6.18 -0.79
CAX FEE J . -17.97 11.90 -8.84
CAW FEE J . -18.20 13.21 -9.59
CAV FEE J . -16.92 14.07 -9.67
CAU FEE J . -17.06 15.17 -10.70
CAT FEE J . -15.76 15.39 -11.47
CAS FEE J . -15.84 14.85 -12.90
CAR FEE J . -14.47 14.43 -13.43
CAQ FEE J . -14.52 13.06 -14.11
CAP FEE J . -13.27 12.25 -13.81
CAO FEE J . -13.38 10.81 -14.32
CAN FEE J . -13.12 9.80 -13.22
CAM FEE J . -14.21 8.72 -13.19
CAL FEE J . -14.01 7.71 -12.06
CAK FEE J . -15.30 7.49 -11.29
CAJ FEE J . -15.03 6.97 -9.88
CAI FEE J . -15.52 7.96 -8.82
CAH FEE J . -15.12 7.51 -7.42
CAG FEE J . -14.27 8.57 -6.73
CAF FEE J . -13.96 8.22 -5.28
CAE FEE J . -12.73 8.99 -4.80
CAD FEE J . -12.24 8.47 -3.44
CAC FEE J . -11.18 9.41 -2.86
CAB FEE J . -10.50 8.78 -1.64
CAA FEE J . -9.45 7.76 -2.03
OAA FEE J . -8.83 7.88 -3.08
C2 FEE J . -8.31 5.68 -1.40
O3 FEE J . -7.90 3.34 -0.94
O4 FEE J . -10.49 2.76 -0.24
O1A FEE J . -7.26 6.64 0.53
C1A FEE J . -6.10 6.96 1.28
O6A FEE J . -5.52 8.21 0.87
C5M FEE J . -6.32 9.39 1.06
C6A FEE J . -5.53 10.62 0.62
O5A FEE J . -5.52 10.70 -0.82
C4A FEE J . -6.78 9.51 2.52
O4A FEE J . -5.67 9.88 3.37
C3A FEE J . -7.43 8.21 2.99
O3A FEE J . -7.73 8.27 4.39
C2A FEE J . -6.49 7.03 2.75
O2A FEE J . -7.15 5.82 3.14
C1 D12 K . -16.60 -2.82 -2.94
C2 D12 K . -17.13 -4.24 -2.82
C3 D12 K . -16.25 -5.24 -3.59
C4 D12 K . -15.51 -6.17 -2.65
C5 D12 K . -14.52 -7.06 -3.41
C6 D12 K . -14.22 -8.34 -2.65
C7 D12 K . -14.03 -9.54 -3.60
C8 D12 K . -13.80 -10.83 -2.80
C9 D12 K . -14.51 -12.01 -3.45
C10 D12 K . -14.80 -13.10 -2.43
C11 D12 K . -16.00 -13.97 -2.84
C12 D12 K . -16.36 -14.97 -1.74
C1 PEG L . -25.82 4.48 -17.73
O1 PEG L . -27.13 4.16 -18.22
C2 PEG L . -25.24 3.32 -16.92
O2 PEG L . -25.62 3.43 -15.55
C3 PEG L . -25.48 2.19 -14.87
C4 PEG L . -26.09 2.29 -13.48
O4 PEG L . -27.02 1.21 -13.28
#